data_7WK0
#
_entry.id   7WK0
#
_cell.length_a   1.00
_cell.length_b   1.00
_cell.length_c   1.00
_cell.angle_alpha   90.00
_cell.angle_beta   90.00
_cell.angle_gamma   90.00
#
_symmetry.space_group_name_H-M   'P 1'
#
loop_
_entity.id
_entity.type
_entity.pdbx_description
1 polymer '6m6 heavy chain'
2 polymer '6m6 light chain'
3 polymer 'Spike protein S1'
4 non-polymer 2-acetamido-2-deoxy-beta-D-glucopyranose
#
loop_
_entity_poly.entity_id
_entity_poly.type
_entity_poly.pdbx_seq_one_letter_code
_entity_poly.pdbx_strand_id
1 'polypeptide(L)'
;EVQLVESGGGLVQPGRSLRLSCAASGFTFDDYAIHWVRQAPGKGLEWVSGITWNSGTIGYADSVKGRFTISRDNAKNSLY
LQMNSLRAEDTALYYCAKHHQIAVAGDAEDYYFDYWGQGTLVTVSSASTKGPSVFPLAPSSKSTSGGTAALGCLVKDYFP
EPVTVSWNSGALTSGVHTFPAVLQSSGLYSLSSVVTVPSSSLGTQTYICNVNHKPSNTKVDKKVEP
;
A,D
2 'polypeptide(L)'
;SYELTQPPSVSVAPGQTARITCGGNNIGSKSVHWYQQKPGQAPVLVVYDDSDRPSGIPERFSGSNSGNTATLTISRVEAG
DEADYYCQVWDSRSDRVVFGGGTKLTALGQPKAAPSVTLFPPSSEELQANKATLVCLISDFYPGAVTVAWKADSSPVKAG
VETTTPSKQSNNKYAASSYLSLTPEQWKSHRSYSCQVTHEGSTVEKTVAPTECS
;
B,E
3 'polypeptide(L)'
;NITNLCPFDEVFNATRFASVYAWNRKRISNCVADYSVLYNLAPFFTFKCYGVSPTKLNDLCFTNVYADSFVIRGDEVRQI
APGQTGNIADYNYKLPDDFTGCVIAWNSNKLDSKVSGNYNYLYRLFRKSNLKPFERDISTEIYQAGNKPCNGVAGFNCYF
PLRSYSFRPTYGVGHQPYRVVVLSFELLHAPATVCGPK
;
C,F
#
loop_
_chem_comp.id
_chem_comp.type
_chem_comp.name
_chem_comp.formula
NAG D-saccharide, beta linking 2-acetamido-2-deoxy-beta-D-glucopyranose 'C8 H15 N O6'
#
# COMPACT_ATOMS: atom_id res chain seq x y z
N GLU A 1 27.70 11.87 -29.35
CA GLU A 1 26.45 11.19 -29.70
C GLU A 1 25.37 11.56 -28.69
N VAL A 2 25.12 10.65 -27.74
CA VAL A 2 24.12 10.90 -26.71
C VAL A 2 24.65 11.92 -25.72
N GLN A 3 23.88 12.97 -25.48
CA GLN A 3 24.25 14.04 -24.56
C GLN A 3 23.06 14.28 -23.63
N LEU A 4 23.05 13.59 -22.50
CA LEU A 4 21.99 13.73 -21.50
C LEU A 4 22.42 14.82 -20.51
N VAL A 5 22.22 16.07 -20.90
CA VAL A 5 22.57 17.21 -20.07
C VAL A 5 21.49 17.40 -19.02
N GLU A 6 21.92 17.60 -17.77
CA GLU A 6 21.01 17.75 -16.65
C GLU A 6 21.12 19.16 -16.09
N SER A 7 19.96 19.79 -15.90
CA SER A 7 19.89 21.16 -15.37
C SER A 7 19.00 21.16 -14.14
N GLY A 8 19.16 22.19 -13.31
CA GLY A 8 18.38 22.31 -12.09
C GLY A 8 19.05 21.66 -10.90
N GLY A 9 19.40 22.46 -9.90
CA GLY A 9 20.07 21.93 -8.72
C GLY A 9 20.82 23.00 -7.96
N GLY A 10 20.74 22.95 -6.64
CA GLY A 10 21.41 23.95 -5.83
C GLY A 10 21.01 23.80 -4.38
N LEU A 11 21.20 24.88 -3.62
CA LEU A 11 20.90 24.88 -2.21
C LEU A 11 19.44 25.22 -1.98
N VAL A 12 18.74 24.32 -1.27
CA VAL A 12 17.32 24.52 -0.95
C VAL A 12 17.09 24.15 0.50
N GLN A 13 16.26 24.94 1.19
CA GLN A 13 15.96 24.73 2.59
C GLN A 13 15.18 23.44 2.79
N PRO A 14 15.33 22.77 3.93
CA PRO A 14 14.57 21.54 4.17
C PRO A 14 13.08 21.81 4.19
N GLY A 15 12.36 21.11 3.33
CA GLY A 15 10.91 21.26 3.23
C GLY A 15 10.41 21.98 2.00
N ARG A 16 11.29 22.53 1.18
CA ARG A 16 10.90 23.23 -0.03
C ARG A 16 11.08 22.30 -1.23
N SER A 17 10.84 22.82 -2.42
CA SER A 17 10.80 22.01 -3.63
C SER A 17 11.64 22.62 -4.73
N LEU A 18 12.13 21.75 -5.62
CA LEU A 18 12.82 22.18 -6.83
C LEU A 18 12.49 21.22 -7.95
N ARG A 19 12.68 21.68 -9.18
CA ARG A 19 12.36 20.93 -10.38
C ARG A 19 13.63 20.69 -11.18
N LEU A 20 13.91 19.42 -11.47
CA LEU A 20 15.08 19.03 -12.24
C LEU A 20 14.69 18.71 -13.68
N SER A 21 15.60 18.99 -14.60
CA SER A 21 15.38 18.74 -16.03
C SER A 21 16.53 17.93 -16.58
N CYS A 22 16.28 17.26 -17.70
CA CYS A 22 17.30 16.44 -18.36
C CYS A 22 17.02 16.51 -19.86
N ALA A 23 17.73 17.40 -20.55
CA ALA A 23 17.54 17.58 -21.98
C ALA A 23 18.36 16.54 -22.74
N ALA A 24 17.68 15.70 -23.51
CA ALA A 24 18.31 14.67 -24.30
C ALA A 24 18.65 15.21 -25.70
N SER A 25 19.72 14.66 -26.28
CA SER A 25 20.15 15.07 -27.60
C SER A 25 21.07 14.00 -28.17
N GLY A 26 20.75 13.51 -29.36
CA GLY A 26 21.57 12.52 -30.02
C GLY A 26 20.78 11.31 -30.49
N PHE A 27 19.78 10.91 -29.72
CA PHE A 27 18.94 9.77 -30.03
C PHE A 27 17.49 10.22 -30.15
N THR A 28 16.59 9.25 -30.34
CA THR A 28 15.16 9.52 -30.45
C THR A 28 14.54 9.40 -29.07
N PHE A 29 14.01 10.52 -28.57
CA PHE A 29 13.40 10.55 -27.24
C PHE A 29 11.96 10.05 -27.33
N ASP A 30 11.74 8.93 -28.02
CA ASP A 30 10.41 8.35 -28.11
C ASP A 30 10.42 6.83 -28.04
N ASP A 31 11.58 6.20 -27.84
CA ASP A 31 11.66 4.74 -27.81
C ASP A 31 12.58 4.24 -26.71
N TYR A 32 13.13 5.11 -25.87
CA TYR A 32 14.08 4.72 -24.83
C TYR A 32 13.57 5.23 -23.49
N ALA A 33 13.44 4.32 -22.53
CA ALA A 33 13.09 4.71 -21.17
C ALA A 33 14.27 5.39 -20.50
N ILE A 34 14.01 6.50 -19.82
CA ILE A 34 15.05 7.27 -19.14
C ILE A 34 14.68 7.37 -17.66
N HIS A 35 15.64 7.08 -16.80
CA HIS A 35 15.43 7.02 -15.36
C HIS A 35 16.20 8.13 -14.65
N TRP A 36 15.95 8.25 -13.36
CA TRP A 36 16.71 9.12 -12.47
C TRP A 36 17.33 8.27 -11.37
N VAL A 37 18.62 8.46 -11.13
CA VAL A 37 19.36 7.69 -10.13
C VAL A 37 20.29 8.63 -9.39
N ARG A 38 20.22 8.60 -8.07
CA ARG A 38 21.03 9.48 -7.24
C ARG A 38 22.27 8.75 -6.72
N GLN A 39 23.23 9.53 -6.25
CA GLN A 39 24.46 8.98 -5.67
C GLN A 39 24.94 9.96 -4.60
N ALA A 40 24.73 9.59 -3.34
CA ALA A 40 25.23 10.39 -2.24
C ALA A 40 26.76 10.44 -2.30
N PRO A 41 27.37 11.53 -1.80
CA PRO A 41 28.84 11.65 -1.88
C PRO A 41 29.55 10.50 -1.19
N GLY A 42 30.23 9.67 -1.98
CA GLY A 42 30.94 8.52 -1.46
C GLY A 42 30.09 7.55 -0.68
N LYS A 43 28.81 7.42 -1.04
CA LYS A 43 27.91 6.53 -0.31
C LYS A 43 27.03 5.74 -1.29
N GLY A 44 27.63 5.22 -2.35
CA GLY A 44 26.93 4.31 -3.25
C GLY A 44 25.86 4.99 -4.09
N LEU A 45 25.20 4.17 -4.89
CA LEU A 45 24.14 4.61 -5.79
C LEU A 45 22.77 4.23 -5.25
N GLU A 46 21.74 4.85 -5.82
CA GLU A 46 20.37 4.59 -5.40
C GLU A 46 19.43 5.03 -6.52
N TRP A 47 18.40 4.22 -6.76
CA TRP A 47 17.47 4.47 -7.85
C TRP A 47 16.28 5.28 -7.35
N VAL A 48 15.87 6.27 -8.14
CA VAL A 48 14.80 7.18 -7.74
C VAL A 48 13.49 6.80 -8.41
N SER A 49 13.45 6.88 -9.73
CA SER A 49 12.24 6.60 -10.50
C SER A 49 12.63 6.45 -11.97
N GLY A 50 11.63 6.32 -12.83
CA GLY A 50 11.87 6.18 -14.26
C GLY A 50 10.56 6.21 -15.01
N ILE A 51 10.68 6.43 -16.32
CA ILE A 51 9.53 6.54 -17.21
C ILE A 51 9.86 5.84 -18.53
N THR A 52 8.89 5.07 -19.03
CA THR A 52 9.04 4.33 -20.26
C THR A 52 8.91 5.28 -21.46
N TRP A 53 8.87 4.73 -22.68
CA TRP A 53 8.78 5.59 -23.87
C TRP A 53 7.45 6.33 -23.89
N ASN A 54 6.36 5.64 -23.56
CA ASN A 54 5.10 6.31 -23.24
C ASN A 54 5.23 6.84 -21.81
N SER A 55 4.72 8.03 -21.55
CA SER A 55 5.00 8.69 -20.29
C SER A 55 4.29 7.98 -19.14
N GLY A 56 4.97 7.02 -18.52
CA GLY A 56 4.41 6.26 -17.43
C GLY A 56 5.46 5.81 -16.45
N THR A 57 5.22 6.05 -15.16
CA THR A 57 6.22 5.78 -14.14
C THR A 57 6.47 4.28 -14.00
N ILE A 58 7.73 3.91 -13.82
CA ILE A 58 8.13 2.50 -13.70
C ILE A 58 8.35 2.18 -12.22
N GLY A 59 7.92 3.09 -11.35
CA GLY A 59 8.03 2.89 -9.92
C GLY A 59 8.91 3.92 -9.26
N TYR A 60 8.84 3.93 -7.93
CA TYR A 60 9.65 4.81 -7.09
C TYR A 60 10.39 3.97 -6.06
N ALA A 61 11.27 4.63 -5.32
CA ALA A 61 12.07 3.95 -4.29
C ALA A 61 11.23 3.77 -3.03
N ASP A 62 11.87 3.33 -1.95
CA ASP A 62 11.20 3.14 -0.67
C ASP A 62 11.29 4.36 0.23
N SER A 63 11.86 5.46 -0.25
CA SER A 63 11.98 6.67 0.56
C SER A 63 11.59 7.94 -0.19
N VAL A 64 11.13 7.83 -1.44
CA VAL A 64 10.74 9.00 -2.23
C VAL A 64 9.30 8.90 -2.71
N LYS A 65 8.53 7.93 -2.20
CA LYS A 65 7.15 7.79 -2.59
C LYS A 65 6.31 8.92 -2.00
N GLY A 66 5.44 9.51 -2.81
CA GLY A 66 4.60 10.61 -2.37
C GLY A 66 5.28 11.96 -2.38
N ARG A 67 6.61 12.00 -2.27
CA ARG A 67 7.34 13.26 -2.29
C ARG A 67 7.90 13.62 -3.66
N PHE A 68 8.24 12.62 -4.47
CA PHE A 68 8.81 12.84 -5.79
C PHE A 68 7.79 12.47 -6.87
N THR A 69 7.81 13.22 -7.96
CA THR A 69 6.95 12.97 -9.11
C THR A 69 7.74 13.22 -10.38
N ILE A 70 7.76 12.23 -11.27
CA ILE A 70 8.54 12.28 -12.49
C ILE A 70 7.60 12.46 -13.68
N SER A 71 8.01 13.28 -14.65
CA SER A 71 7.20 13.56 -15.82
C SER A 71 8.10 13.57 -17.05
N ARG A 72 7.50 13.30 -18.21
CA ARG A 72 8.23 13.18 -19.46
C ARG A 72 7.59 14.06 -20.51
N ASP A 73 8.43 14.68 -21.34
CA ASP A 73 7.98 15.53 -22.46
C ASP A 73 8.70 15.03 -23.70
N ASN A 74 7.99 14.28 -24.55
CA ASN A 74 8.60 13.68 -25.73
C ASN A 74 8.78 14.67 -26.88
N ALA A 75 8.10 15.82 -26.83
CA ALA A 75 8.22 16.80 -27.89
C ALA A 75 9.45 17.69 -27.72
N LYS A 76 9.75 18.10 -26.50
CA LYS A 76 10.89 18.95 -26.22
C LYS A 76 12.15 18.16 -25.86
N ASN A 77 12.05 16.82 -25.82
CA ASN A 77 13.17 15.95 -25.45
C ASN A 77 13.74 16.34 -24.09
N SER A 78 12.89 16.23 -23.07
CA SER A 78 13.29 16.61 -21.72
C SER A 78 12.50 15.77 -20.72
N LEU A 79 13.22 15.23 -19.73
CA LEU A 79 12.62 14.49 -18.63
C LEU A 79 12.67 15.33 -17.36
N TYR A 80 11.55 15.41 -16.66
CA TYR A 80 11.41 16.26 -15.48
C TYR A 80 11.18 15.41 -14.25
N LEU A 81 11.68 15.90 -13.11
CA LEU A 81 11.51 15.22 -11.82
C LEU A 81 11.24 16.28 -10.77
N GLN A 82 10.04 16.25 -10.20
CA GLN A 82 9.65 17.19 -9.15
C GLN A 82 9.97 16.60 -7.79
N MET A 83 10.67 17.38 -6.96
CA MET A 83 11.09 16.94 -5.63
C MET A 83 10.43 17.82 -4.59
N ASN A 84 9.43 17.28 -3.91
CA ASN A 84 8.71 17.99 -2.86
C ASN A 84 9.08 17.45 -1.50
N SER A 85 8.99 18.31 -0.49
CA SER A 85 9.25 17.95 0.91
C SER A 85 10.64 17.34 1.07
N LEU A 86 11.65 18.06 0.59
CA LEU A 86 13.02 17.58 0.70
C LEU A 86 13.49 17.56 2.14
N ARG A 87 14.30 16.58 2.47
CA ARG A 87 14.89 16.43 3.79
C ARG A 87 16.41 16.44 3.69
N ALA A 88 17.07 16.26 4.84
CA ALA A 88 18.52 16.30 4.88
C ALA A 88 19.17 15.10 4.21
N GLU A 89 18.45 13.98 4.10
CA GLU A 89 18.99 12.77 3.48
C GLU A 89 18.67 12.67 2.00
N ASP A 90 18.52 13.81 1.31
CA ASP A 90 18.28 13.83 -0.12
C ASP A 90 19.36 14.60 -0.87
N THR A 91 20.56 14.71 -0.30
CA THR A 91 21.66 15.44 -0.93
C THR A 91 22.51 14.44 -1.70
N ALA A 92 22.50 14.55 -3.03
CA ALA A 92 23.21 13.60 -3.87
C ALA A 92 23.33 14.19 -5.27
N LEU A 93 24.15 13.54 -6.10
CA LEU A 93 24.29 13.87 -7.51
C LEU A 93 23.25 13.06 -8.28
N TYR A 94 22.14 13.69 -8.63
CA TYR A 94 21.07 13.00 -9.35
C TYR A 94 21.48 12.83 -10.81
N TYR A 95 21.58 11.58 -11.26
CA TYR A 95 21.94 11.27 -12.63
C TYR A 95 20.69 11.11 -13.48
N CYS A 96 20.90 11.09 -14.80
CA CYS A 96 19.83 10.91 -15.78
C CYS A 96 20.28 9.79 -16.71
N ALA A 97 19.88 8.56 -16.41
CA ALA A 97 20.34 7.38 -17.12
C ALA A 97 19.31 6.92 -18.14
N LYS A 98 19.80 6.41 -19.27
CA LYS A 98 18.96 5.93 -20.34
C LYS A 98 18.75 4.42 -20.23
N HIS A 99 18.13 3.84 -21.25
CA HIS A 99 17.95 2.40 -21.34
C HIS A 99 18.45 1.93 -22.70
N HIS A 100 19.07 0.75 -22.71
CA HIS A 100 19.75 0.29 -23.91
C HIS A 100 18.75 -0.24 -24.94
N GLN A 101 17.75 -0.98 -24.49
CA GLN A 101 16.80 -1.58 -25.41
C GLN A 101 15.85 -0.54 -25.97
N ILE A 102 15.07 -0.95 -26.97
CA ILE A 102 14.13 -0.08 -27.67
C ILE A 102 12.71 -0.22 -27.15
N ALA A 103 12.50 -1.00 -26.09
CA ALA A 103 11.20 -1.17 -25.45
C ALA A 103 10.15 -1.70 -26.41
N VAL A 104 10.34 -2.94 -26.88
CA VAL A 104 9.37 -3.61 -27.72
C VAL A 104 8.14 -3.93 -26.88
N ALA A 105 7.02 -4.17 -27.56
CA ALA A 105 5.75 -4.34 -26.88
C ALA A 105 5.75 -5.55 -25.94
N GLY A 106 5.88 -6.75 -26.51
CA GLY A 106 5.82 -7.96 -25.70
C GLY A 106 7.17 -8.49 -25.29
N ASP A 107 7.60 -8.15 -24.07
CA ASP A 107 8.86 -8.61 -23.53
C ASP A 107 8.72 -8.70 -22.01
N ALA A 108 9.85 -8.83 -21.33
CA ALA A 108 9.90 -8.86 -19.87
C ALA A 108 10.59 -7.60 -19.37
N GLU A 109 10.06 -7.01 -18.31
CA GLU A 109 10.60 -5.77 -17.76
C GLU A 109 12.00 -6.03 -17.22
N ASP A 110 12.99 -5.39 -17.83
CA ASP A 110 14.38 -5.50 -17.38
C ASP A 110 15.11 -4.25 -17.84
N TYR A 111 15.43 -3.37 -16.90
CA TYR A 111 16.03 -2.07 -17.22
C TYR A 111 17.49 -2.06 -16.79
N TYR A 112 18.37 -1.81 -17.74
CA TYR A 112 19.79 -1.64 -17.49
C TYR A 112 20.29 -0.43 -18.26
N PHE A 113 20.96 0.48 -17.55
CA PHE A 113 21.32 1.77 -18.09
C PHE A 113 22.57 1.68 -18.94
N ASP A 114 22.56 2.42 -20.07
CA ASP A 114 23.68 2.39 -21.01
C ASP A 114 24.34 3.75 -21.19
N TYR A 115 23.61 4.86 -21.07
CA TYR A 115 24.18 6.19 -21.20
C TYR A 115 23.83 6.99 -19.96
N TRP A 116 24.83 7.61 -19.35
CA TRP A 116 24.67 8.42 -18.15
C TRP A 116 25.03 9.87 -18.45
N GLY A 117 24.78 10.72 -17.47
CA GLY A 117 25.14 12.12 -17.58
C GLY A 117 26.21 12.51 -16.58
N GLN A 118 26.17 13.75 -16.10
CA GLN A 118 27.10 14.22 -15.08
C GLN A 118 26.43 14.52 -13.75
N GLY A 119 25.17 14.93 -13.76
CA GLY A 119 24.43 15.12 -12.54
C GLY A 119 24.51 16.55 -12.02
N THR A 120 23.57 16.90 -11.16
CA THR A 120 23.51 18.20 -10.51
C THR A 120 23.49 17.99 -9.00
N LEU A 121 24.43 18.62 -8.30
CA LEU A 121 24.53 18.47 -6.85
C LEU A 121 23.37 19.20 -6.19
N VAL A 122 22.37 18.45 -5.74
CA VAL A 122 21.20 19.02 -5.07
C VAL A 122 21.47 18.92 -3.58
N THR A 123 22.02 19.99 -3.01
CA THR A 123 22.31 20.05 -1.58
C THR A 123 21.11 20.64 -0.84
N VAL A 124 20.78 20.03 0.29
CA VAL A 124 19.63 20.43 1.10
C VAL A 124 20.14 20.69 2.52
N SER A 125 20.28 21.96 2.88
CA SER A 125 20.72 22.33 4.23
C SER A 125 20.09 23.67 4.58
N SER A 126 20.31 24.09 5.82
CA SER A 126 19.75 25.34 6.32
C SER A 126 20.67 26.53 6.14
N ALA A 127 21.92 26.31 5.72
CA ALA A 127 22.85 27.41 5.51
C ALA A 127 22.43 28.23 4.29
N SER A 128 23.15 29.33 4.07
CA SER A 128 22.89 30.23 2.96
C SER A 128 24.05 30.21 1.98
N THR A 129 23.77 30.58 0.74
CA THR A 129 24.79 30.59 -0.30
C THR A 129 25.77 31.72 -0.07
N LYS A 130 27.06 31.44 -0.27
CA LYS A 130 28.11 32.42 -0.13
C LYS A 130 28.85 32.57 -1.46
N GLY A 131 29.39 33.77 -1.68
CA GLY A 131 30.09 34.07 -2.90
C GLY A 131 31.57 33.72 -2.81
N PRO A 132 32.12 33.20 -3.90
CA PRO A 132 33.55 32.87 -3.92
C PRO A 132 34.42 34.12 -3.82
N SER A 133 35.70 33.88 -3.55
CA SER A 133 36.70 34.95 -3.46
C SER A 133 37.95 34.46 -4.18
N VAL A 134 38.11 34.85 -5.44
CA VAL A 134 39.23 34.40 -6.24
C VAL A 134 40.47 35.25 -5.91
N PHE A 135 41.60 34.58 -5.72
CA PHE A 135 42.85 35.26 -5.40
C PHE A 135 43.97 34.76 -6.31
N PRO A 136 44.83 35.66 -6.79
CA PRO A 136 45.85 35.27 -7.75
C PRO A 136 47.11 34.70 -7.10
N LEU A 137 47.11 33.38 -6.84
CA LEU A 137 48.30 32.71 -6.33
C LEU A 137 49.51 33.06 -7.18
N ALA A 138 50.51 33.68 -6.55
CA ALA A 138 51.63 34.25 -7.28
C ALA A 138 52.58 33.15 -7.77
N PRO A 139 52.88 33.09 -9.07
CA PRO A 139 53.92 32.19 -9.59
C PRO A 139 55.31 32.72 -9.28
N SER A 140 55.78 32.43 -8.07
CA SER A 140 57.05 32.93 -7.58
C SER A 140 58.19 32.60 -8.54
N SER A 141 59.28 33.36 -8.43
CA SER A 141 60.39 33.30 -9.37
C SER A 141 61.32 32.12 -9.10
N LYS A 142 60.88 31.12 -8.33
CA LYS A 142 61.69 29.92 -8.10
C LYS A 142 61.79 29.18 -9.43
N SER A 143 62.95 29.28 -10.07
CA SER A 143 63.15 28.76 -11.42
C SER A 143 64.34 27.79 -11.41
N THR A 144 64.04 26.49 -11.44
CA THR A 144 65.06 25.46 -11.57
C THR A 144 64.92 24.71 -12.89
N SER A 145 63.75 24.15 -13.16
CA SER A 145 63.45 23.52 -14.44
C SER A 145 62.70 24.50 -15.33
N GLY A 146 62.17 24.01 -16.44
CA GLY A 146 61.44 24.85 -17.37
C GLY A 146 60.11 25.33 -16.82
N GLY A 147 59.21 24.41 -16.51
CA GLY A 147 57.91 24.76 -16.01
C GLY A 147 57.74 24.52 -14.53
N THR A 148 58.79 24.82 -13.76
CA THR A 148 58.73 24.63 -12.32
C THR A 148 57.83 25.64 -11.63
N ALA A 149 57.60 26.80 -12.25
CA ALA A 149 56.72 27.82 -11.69
C ALA A 149 55.30 27.53 -12.10
N ALA A 150 54.39 27.54 -11.13
CA ALA A 150 52.98 27.28 -11.36
C ALA A 150 52.13 28.41 -10.78
N LEU A 151 51.09 28.80 -11.50
CA LEU A 151 50.16 29.81 -11.04
C LEU A 151 48.75 29.25 -11.04
N GLY A 152 47.93 29.73 -10.12
CA GLY A 152 46.57 29.27 -10.02
C GLY A 152 45.71 30.22 -9.22
N CYS A 153 44.51 29.76 -8.90
CA CYS A 153 43.55 30.53 -8.13
C CYS A 153 43.29 29.85 -6.80
N LEU A 154 42.69 30.60 -5.87
CA LEU A 154 42.48 30.16 -4.50
C LEU A 154 41.04 30.41 -4.07
N VAL A 155 40.10 29.93 -4.89
CA VAL A 155 38.67 30.06 -4.62
C VAL A 155 38.36 29.54 -3.23
N LYS A 156 37.79 30.40 -2.38
CA LYS A 156 37.50 30.06 -1.00
C LYS A 156 36.16 30.66 -0.59
N ASP A 157 35.65 30.18 0.55
CA ASP A 157 34.42 30.69 1.15
C ASP A 157 33.22 30.52 0.21
N TYR A 158 32.89 29.26 -0.06
CA TYR A 158 31.70 28.93 -0.82
C TYR A 158 31.08 27.67 -0.22
N PHE A 159 29.79 27.75 0.12
CA PHE A 159 29.12 26.62 0.77
C PHE A 159 28.76 25.53 -0.25
N PRO A 160 28.02 25.82 -1.32
CA PRO A 160 27.74 24.77 -2.30
C PRO A 160 28.97 24.47 -3.14
N GLU A 161 29.03 23.23 -3.64
CA GLU A 161 30.21 22.86 -4.39
C GLU A 161 29.94 22.41 -5.83
N PRO A 162 29.16 23.17 -6.65
CA PRO A 162 29.23 23.02 -8.11
C PRO A 162 30.21 24.01 -8.75
N VAL A 163 31.43 24.05 -8.24
CA VAL A 163 32.44 25.01 -8.69
C VAL A 163 33.17 24.44 -9.89
N THR A 164 33.43 25.31 -10.88
CA THR A 164 34.16 24.92 -12.09
C THR A 164 35.13 26.03 -12.44
N VAL A 165 36.40 25.68 -12.59
CA VAL A 165 37.45 26.64 -12.93
C VAL A 165 37.82 26.47 -14.40
N SER A 166 37.92 27.60 -15.10
CA SER A 166 38.36 27.63 -16.49
C SER A 166 39.60 28.50 -16.58
N TRP A 167 40.30 28.39 -17.71
CA TRP A 167 41.57 29.10 -17.85
C TRP A 167 41.64 30.04 -19.04
N ASN A 168 41.14 29.65 -20.21
CA ASN A 168 41.06 30.58 -21.33
C ASN A 168 39.62 30.87 -21.74
N SER A 169 38.87 29.84 -22.14
CA SER A 169 37.46 30.02 -22.44
C SER A 169 36.64 28.78 -22.09
N GLY A 170 37.20 27.84 -21.34
CA GLY A 170 36.67 26.49 -21.31
C GLY A 170 37.60 25.61 -22.11
N ALA A 171 38.88 25.88 -22.00
CA ALA A 171 39.91 25.28 -22.84
C ALA A 171 41.18 25.14 -22.01
N LEU A 172 42.31 24.94 -22.68
CA LEU A 172 43.60 24.65 -22.04
C LEU A 172 43.50 23.36 -21.20
N THR A 173 43.29 22.28 -21.93
CA THR A 173 43.13 20.94 -21.36
C THR A 173 44.46 20.32 -20.94
N SER A 174 45.51 21.13 -20.79
CA SER A 174 46.81 20.65 -20.35
C SER A 174 46.73 20.36 -18.84
N GLY A 175 47.88 20.13 -18.23
CA GLY A 175 47.91 19.84 -16.80
C GLY A 175 47.30 20.95 -15.96
N VAL A 176 46.10 20.69 -15.45
CA VAL A 176 45.41 21.62 -14.56
C VAL A 176 44.86 20.79 -13.40
N HIS A 177 45.60 20.78 -12.29
CA HIS A 177 45.23 19.95 -11.15
C HIS A 177 44.27 20.72 -10.26
N THR A 178 42.98 20.51 -10.47
CA THR A 178 41.93 21.13 -9.64
C THR A 178 41.80 20.28 -8.39
N PHE A 179 42.49 20.70 -7.32
CA PHE A 179 42.49 19.94 -6.09
C PHE A 179 41.09 19.96 -5.46
N PRO A 180 40.68 18.88 -4.81
CA PRO A 180 39.35 18.85 -4.21
C PRO A 180 39.23 19.86 -3.07
N ALA A 181 37.99 20.27 -2.81
CA ALA A 181 37.71 21.23 -1.76
C ALA A 181 37.79 20.57 -0.39
N VAL A 182 37.65 21.37 0.66
CA VAL A 182 37.71 20.86 2.03
C VAL A 182 36.80 21.71 2.90
N LEU A 183 35.95 21.06 3.68
CA LEU A 183 35.09 21.75 4.64
C LEU A 183 35.95 22.23 5.80
N GLN A 184 36.21 23.53 5.85
CA GLN A 184 37.13 24.08 6.84
C GLN A 184 36.44 24.35 8.17
N SER A 185 35.75 23.35 8.71
CA SER A 185 35.11 23.38 10.03
C SER A 185 34.08 24.50 10.16
N SER A 186 33.70 25.15 9.07
CA SER A 186 32.75 26.24 9.11
C SER A 186 31.63 26.10 8.10
N GLY A 187 31.55 24.98 7.38
CA GLY A 187 30.57 24.77 6.36
C GLY A 187 31.01 25.18 4.96
N LEU A 188 31.94 26.11 4.85
CA LEU A 188 32.42 26.56 3.55
C LEU A 188 33.44 25.58 2.99
N TYR A 189 33.99 25.92 1.83
CA TYR A 189 34.97 25.08 1.15
C TYR A 189 36.09 25.97 0.64
N SER A 190 37.02 25.36 -0.10
CA SER A 190 38.17 26.09 -0.66
C SER A 190 38.75 25.28 -1.79
N LEU A 191 38.83 25.87 -2.98
CA LEU A 191 39.36 25.23 -4.17
C LEU A 191 40.73 25.80 -4.51
N SER A 192 41.43 25.12 -5.41
CA SER A 192 42.74 25.57 -5.86
C SER A 192 43.10 24.85 -7.14
N SER A 193 43.86 25.53 -7.99
CA SER A 193 44.29 24.98 -9.28
C SER A 193 45.76 25.28 -9.51
N VAL A 194 46.38 24.46 -10.35
CA VAL A 194 47.81 24.57 -10.66
C VAL A 194 48.02 24.16 -12.11
N VAL A 195 48.78 24.96 -12.86
CA VAL A 195 49.07 24.69 -14.26
C VAL A 195 50.57 24.47 -14.42
N THR A 196 50.97 24.13 -15.65
CA THR A 196 52.39 23.92 -15.93
C THR A 196 53.15 25.24 -15.97
N VAL A 197 52.66 26.20 -16.74
CA VAL A 197 53.22 27.55 -16.81
C VAL A 197 54.70 27.53 -17.12
N PRO A 198 55.09 27.26 -18.38
CA PRO A 198 56.53 27.32 -18.74
C PRO A 198 57.08 28.73 -18.69
N SER A 199 58.33 28.90 -19.10
CA SER A 199 59.05 30.18 -19.06
C SER A 199 58.18 31.33 -19.54
N SER A 200 57.99 32.32 -18.67
CA SER A 200 57.08 33.43 -18.92
C SER A 200 57.82 34.54 -19.66
N SER A 201 57.52 34.68 -20.95
CA SER A 201 58.07 35.75 -21.79
C SER A 201 56.99 36.32 -22.69
N LEU A 202 55.80 36.55 -22.11
CA LEU A 202 54.59 37.03 -22.79
C LEU A 202 54.07 36.04 -23.83
N GLY A 203 54.67 34.87 -23.95
CA GLY A 203 54.18 33.84 -24.85
C GLY A 203 53.54 32.70 -24.09
N THR A 204 52.76 33.03 -23.08
CA THR A 204 52.17 32.04 -22.18
C THR A 204 50.66 32.24 -22.16
N GLN A 205 49.99 31.56 -21.23
CA GLN A 205 48.54 31.62 -21.16
C GLN A 205 48.06 33.04 -20.87
N THR A 206 46.78 33.29 -21.12
CA THR A 206 46.20 34.61 -20.98
C THR A 206 46.02 35.04 -19.53
N TYR A 207 46.41 34.22 -18.57
CA TYR A 207 46.30 34.53 -17.14
C TYR A 207 44.85 34.86 -16.77
N ILE A 208 43.99 33.84 -16.90
CA ILE A 208 42.57 33.98 -16.64
C ILE A 208 42.11 32.76 -15.85
N CYS A 209 41.34 33.00 -14.78
CA CYS A 209 40.76 31.92 -13.97
C CYS A 209 39.26 32.19 -13.86
N ASN A 210 38.50 31.66 -14.83
CA ASN A 210 37.04 31.83 -14.84
C ASN A 210 36.43 30.88 -13.81
N VAL A 211 35.74 31.45 -12.83
CA VAL A 211 35.12 30.69 -11.75
C VAL A 211 33.62 30.87 -11.86
N ASN A 212 32.91 29.78 -12.18
CA ASN A 212 31.46 29.79 -12.32
C ASN A 212 30.84 29.07 -11.14
N HIS A 213 30.13 29.80 -10.30
CA HIS A 213 29.43 29.26 -9.14
C HIS A 213 27.93 29.49 -9.35
N LYS A 214 27.18 28.42 -9.57
CA LYS A 214 25.78 28.58 -9.94
C LYS A 214 24.89 28.94 -8.75
N PRO A 215 24.91 28.22 -7.61
CA PRO A 215 23.99 28.57 -6.52
C PRO A 215 24.24 29.95 -5.91
N SER A 216 25.36 30.58 -6.24
CA SER A 216 25.74 31.91 -5.75
C SER A 216 26.20 32.76 -6.92
N ASN A 217 25.36 32.83 -7.95
CA ASN A 217 25.72 33.26 -9.31
C ASN A 217 26.66 34.45 -9.30
N THR A 218 27.86 34.24 -9.86
CA THR A 218 28.91 35.24 -9.93
C THR A 218 29.98 34.76 -10.91
N LYS A 219 30.35 35.60 -11.87
CA LYS A 219 31.34 35.27 -12.88
C LYS A 219 32.57 36.12 -12.63
N VAL A 220 33.63 35.51 -12.09
CA VAL A 220 34.88 36.21 -11.81
C VAL A 220 35.88 35.86 -12.89
N ASP A 221 36.53 36.89 -13.44
CA ASP A 221 37.50 36.76 -14.51
C ASP A 221 38.79 37.48 -14.15
N LYS A 222 39.26 37.25 -12.92
CA LYS A 222 40.44 37.95 -12.43
C LYS A 222 41.72 37.33 -12.97
N LYS A 223 42.71 38.17 -13.22
CA LYS A 223 43.96 37.75 -13.83
C LYS A 223 45.01 37.43 -12.77
N VAL A 224 46.09 36.78 -13.23
CA VAL A 224 47.22 36.41 -12.38
C VAL A 224 48.48 37.01 -12.98
N GLU A 225 49.36 37.51 -12.12
CA GLU A 225 50.59 38.14 -12.56
C GLU A 225 51.71 37.78 -11.58
N PRO A 226 52.96 37.68 -12.04
CA PRO A 226 54.11 37.38 -11.18
C PRO A 226 54.37 38.48 -10.16
N TYR B 2 13.79 -6.42 -2.96
CA TYR B 2 15.00 -7.24 -2.96
C TYR B 2 16.10 -6.56 -2.17
N GLU B 3 17.22 -7.25 -1.98
CA GLU B 3 18.35 -6.69 -1.26
C GLU B 3 19.61 -7.42 -1.72
N LEU B 4 20.50 -6.71 -2.39
CA LEU B 4 21.75 -7.28 -2.85
C LEU B 4 22.88 -6.94 -1.88
N THR B 5 23.77 -7.89 -1.66
CA THR B 5 24.89 -7.72 -0.76
C THR B 5 26.18 -8.01 -1.51
N GLN B 6 27.14 -7.09 -1.42
CA GLN B 6 28.43 -7.24 -2.07
C GLN B 6 29.56 -7.13 -1.06
N PRO B 7 30.70 -7.76 -1.33
CA PRO B 7 31.87 -7.56 -0.47
C PRO B 7 32.32 -6.12 -0.50
N PRO B 8 32.55 -5.52 0.67
CA PRO B 8 32.92 -4.09 0.70
C PRO B 8 34.23 -3.78 -0.01
N SER B 9 35.14 -4.75 -0.15
CA SER B 9 36.41 -4.50 -0.80
C SER B 9 37.01 -5.83 -1.24
N VAL B 10 37.52 -5.85 -2.47
CA VAL B 10 38.20 -7.02 -3.03
C VAL B 10 39.45 -6.54 -3.75
N SER B 11 40.62 -6.92 -3.24
CA SER B 11 41.89 -6.53 -3.82
C SER B 11 42.61 -7.74 -4.39
N VAL B 12 43.32 -7.51 -5.49
CA VAL B 12 44.06 -8.58 -6.16
C VAL B 12 45.25 -7.96 -6.86
N ALA B 13 46.38 -8.69 -6.87
CA ALA B 13 47.56 -8.22 -7.57
C ALA B 13 47.29 -8.18 -9.07
N PRO B 14 47.98 -7.28 -9.81
CA PRO B 14 47.74 -7.16 -11.25
C PRO B 14 48.40 -8.27 -12.07
N GLY B 15 48.25 -9.51 -11.60
CA GLY B 15 48.69 -10.67 -12.34
C GLY B 15 47.59 -11.70 -12.51
N GLN B 16 46.61 -11.67 -11.62
CA GLN B 16 45.52 -12.64 -11.58
C GLN B 16 44.19 -11.95 -11.78
N THR B 17 43.11 -12.70 -11.58
CA THR B 17 41.75 -12.20 -11.76
C THR B 17 41.11 -11.91 -10.40
N ALA B 18 40.10 -11.04 -10.43
CA ALA B 18 39.35 -10.69 -9.23
C ALA B 18 37.98 -11.36 -9.26
N ARG B 19 37.41 -11.53 -8.07
CA ARG B 19 36.14 -12.25 -7.89
C ARG B 19 35.17 -11.33 -7.15
N ILE B 20 34.31 -10.64 -7.91
CA ILE B 20 33.28 -9.77 -7.34
C ILE B 20 31.95 -10.53 -7.39
N THR B 21 31.31 -10.68 -6.24
CA THR B 21 30.09 -11.45 -6.12
C THR B 21 28.93 -10.56 -5.69
N CYS B 22 27.72 -10.95 -6.08
CA CYS B 22 26.50 -10.27 -5.65
C CYS B 22 25.43 -11.32 -5.40
N GLY B 23 25.10 -11.54 -4.13
CA GLY B 23 24.13 -12.56 -3.75
C GLY B 23 22.93 -11.94 -3.08
N GLY B 24 21.77 -12.56 -3.28
CA GLY B 24 20.54 -12.11 -2.68
C GLY B 24 19.74 -13.23 -2.05
N ASN B 25 18.47 -13.35 -2.42
CA ASN B 25 17.62 -14.42 -1.91
C ASN B 25 17.48 -15.56 -2.91
N ASN B 26 17.03 -15.25 -4.13
CA ASN B 26 16.86 -16.25 -5.18
C ASN B 26 17.26 -15.65 -6.51
N ILE B 27 18.44 -15.01 -6.55
CA ILE B 27 18.89 -14.30 -7.76
C ILE B 27 19.61 -15.32 -8.63
N GLY B 28 18.81 -16.05 -9.40
CA GLY B 28 19.36 -17.02 -10.34
C GLY B 28 18.73 -16.90 -11.71
N SER B 29 17.55 -16.28 -11.78
CA SER B 29 16.80 -16.15 -13.02
C SER B 29 16.72 -14.72 -13.52
N LYS B 30 16.50 -13.75 -12.63
CA LYS B 30 16.45 -12.36 -13.02
C LYS B 30 17.83 -11.89 -13.49
N SER B 31 17.83 -11.04 -14.52
CA SER B 31 19.07 -10.59 -15.12
C SER B 31 19.88 -9.76 -14.14
N VAL B 32 21.20 -9.94 -14.18
CA VAL B 32 22.12 -9.24 -13.28
C VAL B 32 23.05 -8.41 -14.15
N HIS B 33 22.97 -7.09 -14.02
CA HIS B 33 23.82 -6.18 -14.78
C HIS B 33 24.84 -5.53 -13.86
N TRP B 34 26.02 -5.25 -14.41
CA TRP B 34 27.13 -4.68 -13.67
C TRP B 34 27.49 -3.32 -14.22
N TYR B 35 28.06 -2.47 -13.35
CA TYR B 35 28.49 -1.14 -13.73
C TYR B 35 29.87 -0.87 -13.16
N GLN B 36 30.62 -0.01 -13.84
CA GLN B 36 31.95 0.42 -13.40
C GLN B 36 31.96 1.94 -13.30
N GLN B 37 32.45 2.44 -12.18
CA GLN B 37 32.49 3.89 -11.91
C GLN B 37 33.87 4.27 -11.41
N LYS B 38 34.65 4.93 -12.26
CA LYS B 38 35.90 5.51 -11.83
C LYS B 38 35.62 6.62 -10.82
N PRO B 39 36.55 6.89 -9.91
CA PRO B 39 36.33 7.96 -8.93
C PRO B 39 36.27 9.34 -9.58
N GLY B 40 35.08 9.95 -9.56
CA GLY B 40 34.91 11.25 -10.14
C GLY B 40 34.05 11.26 -11.40
N GLN B 41 34.22 10.22 -12.23
CA GLN B 41 33.49 10.15 -13.49
C GLN B 41 32.12 9.52 -13.28
N ALA B 42 31.41 9.28 -14.40
CA ALA B 42 30.08 8.70 -14.47
C ALA B 42 30.17 7.18 -14.61
N PRO B 43 29.17 6.46 -14.11
CA PRO B 43 29.20 4.99 -14.18
C PRO B 43 29.12 4.50 -15.62
N VAL B 44 30.08 3.68 -16.02
CA VAL B 44 30.11 3.10 -17.36
C VAL B 44 29.55 1.69 -17.28
N LEU B 45 29.13 1.17 -18.43
CA LEU B 45 28.53 -0.16 -18.51
C LEU B 45 29.60 -1.21 -18.76
N VAL B 46 29.49 -2.32 -18.03
CA VAL B 46 30.31 -3.51 -18.26
C VAL B 46 29.36 -4.66 -18.54
N VAL B 47 29.87 -5.89 -18.58
CA VAL B 47 29.10 -7.06 -18.97
C VAL B 47 27.74 -7.08 -18.28
N TYR B 48 26.68 -7.15 -19.08
CA TYR B 48 25.30 -7.19 -18.59
C TYR B 48 24.66 -8.50 -18.99
N ASP B 49 23.52 -8.80 -18.36
CA ASP B 49 22.81 -10.06 -18.54
C ASP B 49 23.69 -11.27 -18.25
N ASP B 50 24.83 -11.04 -17.59
CA ASP B 50 25.76 -12.08 -17.16
C ASP B 50 26.38 -12.87 -18.32
N SER B 51 26.09 -12.46 -19.56
CA SER B 51 26.60 -13.21 -20.70
C SER B 51 27.06 -12.35 -21.87
N ASP B 52 27.00 -11.02 -21.78
CA ASP B 52 27.38 -10.19 -22.90
C ASP B 52 27.75 -8.79 -22.42
N ARG B 53 28.64 -8.14 -23.16
CA ARG B 53 29.16 -6.83 -22.84
C ARG B 53 28.82 -5.84 -23.94
N PRO B 54 28.78 -4.54 -23.61
CA PRO B 54 28.52 -3.53 -24.64
C PRO B 54 29.70 -3.37 -25.60
N SER B 55 29.56 -2.46 -26.56
CA SER B 55 30.61 -2.23 -27.55
C SER B 55 31.68 -1.31 -26.97
N GLY B 56 32.92 -1.79 -26.94
CA GLY B 56 34.05 -1.05 -26.41
C GLY B 56 34.69 -1.71 -25.21
N ILE B 57 33.91 -2.39 -24.39
CA ILE B 57 34.46 -3.08 -23.21
C ILE B 57 35.32 -4.25 -23.67
N PRO B 58 36.53 -4.40 -23.17
CA PRO B 58 37.41 -5.49 -23.64
C PRO B 58 36.85 -6.86 -23.25
N GLU B 59 37.41 -7.88 -23.89
CA GLU B 59 37.02 -9.26 -23.61
C GLU B 59 37.41 -9.71 -22.22
N ARG B 60 38.25 -8.94 -21.52
CA ARG B 60 38.67 -9.30 -20.17
C ARG B 60 37.48 -9.38 -19.21
N PHE B 61 36.45 -8.57 -19.43
CA PHE B 61 35.29 -8.55 -18.56
C PHE B 61 34.36 -9.71 -18.92
N SER B 62 33.97 -10.48 -17.91
CA SER B 62 33.06 -11.60 -18.11
C SER B 62 32.15 -11.71 -16.89
N GLY B 63 31.06 -12.47 -17.06
CA GLY B 63 30.10 -12.63 -16.00
C GLY B 63 29.53 -14.03 -15.99
N SER B 64 28.92 -14.38 -14.87
CA SER B 64 28.30 -15.69 -14.69
C SER B 64 27.36 -15.63 -13.50
N ASN B 65 26.12 -16.08 -13.70
CA ASN B 65 25.12 -16.11 -12.64
C ASN B 65 24.58 -17.52 -12.50
N SER B 66 24.55 -18.00 -11.25
CA SER B 66 24.09 -19.36 -10.98
C SER B 66 23.49 -19.49 -9.60
N GLY B 67 22.16 -19.46 -9.51
CA GLY B 67 21.46 -19.73 -8.28
C GLY B 67 21.37 -18.57 -7.31
N ASN B 68 22.47 -18.27 -6.62
CA ASN B 68 22.47 -17.20 -5.63
C ASN B 68 23.77 -16.40 -5.63
N THR B 69 24.46 -16.37 -6.78
CA THR B 69 25.74 -15.67 -6.85
C THR B 69 25.99 -15.26 -8.30
N ALA B 70 26.23 -13.97 -8.52
CA ALA B 70 26.64 -13.45 -9.81
C ALA B 70 28.08 -12.97 -9.70
N THR B 71 28.96 -13.50 -10.55
CA THR B 71 30.39 -13.26 -10.46
C THR B 71 30.84 -12.43 -11.66
N LEU B 72 31.39 -11.25 -11.39
CA LEU B 72 32.00 -10.41 -12.42
C LEU B 72 33.50 -10.63 -12.37
N THR B 73 33.99 -11.57 -13.17
CA THR B 73 35.39 -11.97 -13.15
C THR B 73 36.16 -11.13 -14.15
N ILE B 74 36.88 -10.13 -13.67
CA ILE B 74 37.74 -9.31 -14.51
C ILE B 74 39.07 -10.02 -14.68
N SER B 75 39.45 -10.28 -15.93
CA SER B 75 40.68 -11.00 -16.24
C SER B 75 41.79 -10.01 -16.56
N ARG B 76 43.01 -10.35 -16.12
CA ARG B 76 44.20 -9.52 -16.33
C ARG B 76 43.97 -8.10 -15.83
N VAL B 77 43.74 -8.00 -14.52
CA VAL B 77 43.46 -6.71 -13.89
C VAL B 77 44.70 -5.83 -13.96
N GLU B 78 44.49 -4.55 -14.23
CA GLU B 78 45.56 -3.56 -14.34
C GLU B 78 45.32 -2.42 -13.35
N ALA B 79 46.20 -1.43 -13.38
CA ALA B 79 46.06 -0.29 -12.49
C ALA B 79 44.87 0.58 -12.89
N GLY B 80 44.63 0.75 -14.19
CA GLY B 80 43.55 1.57 -14.68
C GLY B 80 42.16 0.98 -14.50
N ASP B 81 42.04 -0.17 -13.85
CA ASP B 81 40.76 -0.81 -13.61
C ASP B 81 40.30 -0.65 -12.16
N GLU B 82 41.00 0.14 -11.36
CA GLU B 82 40.56 0.41 -10.00
C GLU B 82 39.35 1.33 -10.02
N ALA B 83 38.20 0.79 -9.65
CA ALA B 83 36.95 1.56 -9.66
C ALA B 83 35.97 0.89 -8.71
N ASP B 84 34.77 1.48 -8.61
CA ASP B 84 33.71 0.97 -7.76
C ASP B 84 32.71 0.24 -8.64
N TYR B 85 32.64 -1.09 -8.49
CA TYR B 85 31.81 -1.93 -9.34
C TYR B 85 30.49 -2.21 -8.64
N TYR B 86 29.39 -1.88 -9.29
CA TYR B 86 28.05 -2.09 -8.76
C TYR B 86 27.31 -3.11 -9.62
N CYS B 87 26.40 -3.85 -8.99
CA CYS B 87 25.57 -4.83 -9.68
C CYS B 87 24.11 -4.42 -9.58
N GLN B 88 23.36 -4.63 -10.66
CA GLN B 88 21.99 -4.18 -10.77
C GLN B 88 21.06 -5.36 -10.98
N VAL B 89 19.82 -5.21 -10.49
CA VAL B 89 18.78 -6.20 -10.67
C VAL B 89 17.45 -5.46 -10.80
N TRP B 90 16.45 -6.16 -11.35
CA TRP B 90 15.17 -5.50 -11.61
C TRP B 90 14.17 -5.68 -10.47
N ASP B 91 14.02 -6.91 -9.96
CA ASP B 91 13.11 -7.21 -8.85
C ASP B 91 11.68 -6.80 -9.19
N SER B 92 11.11 -7.53 -10.14
CA SER B 92 9.76 -7.25 -10.65
C SER B 92 8.68 -7.38 -9.60
N ARG B 93 9.04 -7.77 -8.38
CA ARG B 93 8.08 -7.95 -7.30
C ARG B 93 7.64 -6.62 -6.69
N SER B 94 8.54 -5.66 -6.55
CA SER B 94 8.24 -4.39 -5.92
C SER B 94 8.33 -3.20 -6.87
N ASP B 95 8.58 -3.43 -8.16
CA ASP B 95 8.67 -2.38 -9.16
C ASP B 95 9.74 -1.34 -8.77
N ARG B 96 10.96 -1.84 -8.58
CA ARG B 96 12.08 -1.00 -8.20
C ARG B 96 13.30 -1.32 -9.06
N VAL B 97 14.45 -0.72 -8.73
CA VAL B 97 15.72 -1.09 -9.32
C VAL B 97 16.74 -1.15 -8.19
N VAL B 98 17.08 -2.37 -7.77
CA VAL B 98 17.90 -2.58 -6.58
C VAL B 98 19.37 -2.58 -6.98
N PHE B 99 20.13 -1.63 -6.43
CA PHE B 99 21.58 -1.62 -6.54
C PHE B 99 22.18 -2.27 -5.31
N GLY B 100 23.50 -2.17 -5.16
CA GLY B 100 24.17 -2.71 -4.00
C GLY B 100 25.42 -1.92 -3.68
N GLY B 101 25.84 -2.01 -2.43
CA GLY B 101 27.08 -1.38 -2.01
C GLY B 101 28.25 -1.91 -2.81
N GLY B 102 28.78 -1.08 -3.70
CA GLY B 102 29.77 -1.55 -4.64
C GLY B 102 31.07 -1.98 -3.99
N THR B 103 31.88 -2.69 -4.76
CA THR B 103 33.17 -3.19 -4.31
C THR B 103 34.28 -2.30 -4.87
N LYS B 104 35.25 -1.97 -4.01
CA LYS B 104 36.38 -1.12 -4.40
C LYS B 104 37.54 -2.03 -4.81
N LEU B 105 37.59 -2.38 -6.08
CA LEU B 105 38.69 -3.17 -6.61
C LEU B 105 39.96 -2.32 -6.65
N THR B 106 40.98 -2.74 -5.92
CA THR B 106 42.24 -2.02 -5.82
C THR B 106 43.38 -2.97 -6.19
N ALA B 107 44.12 -2.64 -7.24
CA ALA B 107 45.26 -3.45 -7.66
C ALA B 107 46.37 -3.32 -6.62
N LEU B 108 46.55 -4.35 -5.82
CA LEU B 108 47.55 -4.34 -4.76
C LEU B 108 48.94 -4.58 -5.34
N GLY B 109 49.90 -3.78 -4.89
CA GLY B 109 51.27 -3.93 -5.36
C GLY B 109 51.64 -2.98 -6.48
N GLN B 110 51.33 -1.71 -6.31
CA GLN B 110 51.70 -0.70 -7.29
C GLN B 110 53.01 -0.03 -6.89
N PRO B 111 53.75 0.52 -7.85
CA PRO B 111 55.02 1.17 -7.52
C PRO B 111 54.83 2.37 -6.62
N LYS B 112 55.85 2.65 -5.81
CA LYS B 112 55.82 3.80 -4.92
C LYS B 112 55.89 5.10 -5.73
N ALA B 113 55.41 6.18 -5.10
CA ALA B 113 55.42 7.49 -5.73
C ALA B 113 55.66 8.54 -4.66
N ALA B 114 56.71 9.34 -4.83
CA ALA B 114 57.01 10.38 -3.86
C ALA B 114 56.15 11.61 -4.15
N PRO B 115 55.54 12.21 -3.12
CA PRO B 115 54.68 13.37 -3.35
C PRO B 115 55.50 14.63 -3.60
N SER B 116 55.00 15.46 -4.50
CA SER B 116 55.61 16.75 -4.82
C SER B 116 54.79 17.86 -4.17
N VAL B 117 55.46 18.71 -3.39
CA VAL B 117 54.81 19.76 -2.64
C VAL B 117 55.07 21.09 -3.34
N THR B 118 54.06 21.96 -3.36
CA THR B 118 54.17 23.27 -3.98
C THR B 118 53.55 24.30 -3.04
N LEU B 119 54.38 25.18 -2.49
CA LEU B 119 53.91 26.20 -1.57
C LEU B 119 53.55 27.48 -2.31
N PHE B 120 52.44 28.08 -1.91
CA PHE B 120 52.00 29.37 -2.44
C PHE B 120 51.76 30.32 -1.29
N PRO B 121 52.59 31.35 -1.12
CA PRO B 121 52.39 32.30 -0.02
C PRO B 121 51.13 33.12 -0.25
N PRO B 122 50.70 33.90 0.74
CA PRO B 122 49.58 34.81 0.52
C PRO B 122 49.81 35.70 -0.68
N SER B 123 48.80 35.80 -1.54
CA SER B 123 48.94 36.48 -2.82
C SER B 123 49.16 37.98 -2.63
N SER B 124 49.38 38.67 -3.74
CA SER B 124 49.62 40.11 -3.68
C SER B 124 48.35 40.86 -3.34
N GLU B 125 47.23 40.50 -3.96
CA GLU B 125 45.96 41.19 -3.72
C GLU B 125 45.16 40.55 -2.58
N GLU B 126 45.83 40.34 -1.45
CA GLU B 126 45.13 40.01 -0.22
C GLU B 126 45.75 40.64 1.02
N LEU B 127 46.96 41.19 0.94
CA LEU B 127 47.57 41.82 2.10
C LEU B 127 46.88 43.15 2.43
N GLN B 128 46.33 43.83 1.43
CA GLN B 128 45.58 45.05 1.70
C GLN B 128 44.31 44.75 2.49
N ALA B 129 43.75 43.56 2.32
CA ALA B 129 42.66 43.08 3.14
C ALA B 129 43.23 42.18 4.24
N ASN B 130 42.35 41.48 4.95
CA ASN B 130 42.76 40.53 5.98
C ASN B 130 42.27 39.15 5.56
N LYS B 131 43.08 38.45 4.75
CA LYS B 131 42.68 37.15 4.22
C LYS B 131 43.37 35.99 4.94
N ALA B 132 44.70 35.97 4.94
CA ALA B 132 45.48 34.93 5.64
C ALA B 132 45.07 33.54 5.17
N THR B 133 45.38 33.25 3.91
CA THR B 133 45.01 32.00 3.25
C THR B 133 46.23 31.32 2.65
N LEU B 134 47.29 31.17 3.46
CA LEU B 134 48.45 30.40 3.03
C LEU B 134 48.05 28.98 2.66
N VAL B 135 48.44 28.54 1.47
CA VAL B 135 48.01 27.27 0.90
C VAL B 135 49.24 26.40 0.65
N CYS B 136 49.15 25.14 1.06
CA CYS B 136 50.19 24.15 0.85
C CYS B 136 49.59 22.97 0.10
N LEU B 137 50.08 22.73 -1.12
CA LEU B 137 49.56 21.70 -1.99
C LEU B 137 50.55 20.55 -2.13
N ILE B 138 50.02 19.35 -2.35
CA ILE B 138 50.84 18.15 -2.55
C ILE B 138 50.38 17.49 -3.84
N SER B 139 51.33 17.14 -4.71
CA SER B 139 51.03 16.60 -6.02
C SER B 139 50.72 15.10 -5.91
N ASP B 140 50.73 14.42 -7.05
CA ASP B 140 50.28 13.03 -7.13
C ASP B 140 51.22 12.11 -6.36
N PHE B 141 50.63 11.05 -5.79
CA PHE B 141 51.34 9.99 -5.10
C PHE B 141 50.41 8.80 -4.96
N TYR B 142 50.95 7.59 -5.07
CA TYR B 142 50.11 6.40 -5.02
C TYR B 142 49.66 6.07 -3.60
N PRO B 143 50.56 5.85 -2.63
CA PRO B 143 50.09 5.41 -1.31
C PRO B 143 49.59 6.60 -0.51
N GLY B 144 48.33 6.54 -0.10
CA GLY B 144 47.70 7.64 0.63
C GLY B 144 48.16 7.74 2.07
N ALA B 145 47.28 8.28 2.91
CA ALA B 145 47.54 8.47 4.34
C ALA B 145 48.80 9.32 4.55
N VAL B 146 48.73 10.56 4.09
CA VAL B 146 49.80 11.53 4.24
C VAL B 146 49.38 12.57 5.26
N THR B 147 50.31 12.94 6.13
CA THR B 147 50.07 13.93 7.18
C THR B 147 50.87 15.19 6.88
N VAL B 148 50.18 16.32 6.82
CA VAL B 148 50.80 17.60 6.53
C VAL B 148 51.35 18.19 7.83
N ALA B 149 52.66 18.31 7.91
CA ALA B 149 53.33 18.88 9.07
C ALA B 149 53.56 20.37 8.81
N TRP B 150 52.98 21.22 9.66
CA TRP B 150 53.07 22.66 9.50
C TRP B 150 54.21 23.23 10.33
N LYS B 151 55.05 24.04 9.69
CA LYS B 151 56.17 24.70 10.34
C LYS B 151 55.96 26.21 10.17
N ALA B 152 55.21 26.80 11.09
CA ALA B 152 54.89 28.23 11.05
C ALA B 152 55.85 28.97 11.97
N ASP B 153 56.58 29.93 11.40
CA ASP B 153 57.54 30.75 12.15
C ASP B 153 58.61 29.88 12.80
N SER B 154 59.04 28.84 12.08
CA SER B 154 60.09 27.91 12.52
C SER B 154 59.72 27.23 13.84
N SER B 155 58.43 27.05 14.09
CA SER B 155 57.93 26.42 15.30
C SER B 155 56.68 25.63 14.97
N PRO B 156 56.46 24.50 15.66
CA PRO B 156 55.25 23.71 15.40
C PRO B 156 53.99 24.44 15.83
N VAL B 157 53.19 24.88 14.85
CA VAL B 157 51.95 25.61 15.11
C VAL B 157 50.83 24.84 14.45
N LYS B 158 50.05 24.11 15.26
CA LYS B 158 48.95 23.31 14.76
C LYS B 158 47.61 23.69 15.36
N ALA B 159 47.58 24.52 16.40
CA ALA B 159 46.31 24.91 17.02
C ALA B 159 45.47 25.81 16.11
N GLY B 160 46.07 26.39 15.08
CA GLY B 160 45.35 27.24 14.17
C GLY B 160 44.36 26.47 13.31
N VAL B 161 43.56 27.22 12.57
CA VAL B 161 42.55 26.63 11.69
C VAL B 161 43.26 25.96 10.52
N GLU B 162 43.21 24.64 10.46
CA GLU B 162 43.78 23.87 9.38
C GLU B 162 42.66 23.15 8.62
N THR B 163 43.04 22.58 7.47
CA THR B 163 42.10 21.82 6.66
C THR B 163 42.48 20.34 6.60
N THR B 164 43.68 20.03 6.15
CA THR B 164 44.18 18.65 6.06
C THR B 164 43.15 17.72 5.43
N THR B 165 42.79 18.02 4.19
CA THR B 165 41.77 17.25 3.49
C THR B 165 42.26 15.82 3.26
N PRO B 166 41.39 14.83 3.38
CA PRO B 166 41.80 13.45 3.12
C PRO B 166 42.17 13.25 1.66
N SER B 167 43.05 12.28 1.42
CA SER B 167 43.53 12.02 0.07
C SER B 167 42.40 11.58 -0.83
N LYS B 168 42.40 12.09 -2.06
CA LYS B 168 41.40 11.77 -3.06
C LYS B 168 42.08 11.06 -4.22
N GLN B 169 41.33 10.82 -5.29
CA GLN B 169 41.79 10.04 -6.43
C GLN B 169 41.95 10.90 -7.66
N SER B 170 43.00 10.63 -8.44
CA SER B 170 43.24 11.32 -9.70
C SER B 170 44.15 10.45 -10.55
N ASN B 171 43.59 9.90 -11.64
CA ASN B 171 44.29 8.97 -12.55
C ASN B 171 45.15 7.97 -11.77
N ASN B 172 44.52 7.35 -10.76
CA ASN B 172 45.16 6.35 -9.91
C ASN B 172 46.38 6.93 -9.18
N LYS B 173 46.33 8.21 -8.84
CA LYS B 173 47.38 8.88 -8.08
C LYS B 173 46.72 9.85 -7.11
N TYR B 174 46.99 9.69 -5.83
CA TYR B 174 46.30 10.47 -4.81
C TYR B 174 46.91 11.87 -4.70
N ALA B 175 46.07 12.83 -4.31
CA ALA B 175 46.49 14.22 -4.14
C ALA B 175 45.59 14.88 -3.11
N ALA B 176 46.16 15.85 -2.40
CA ALA B 176 45.42 16.53 -1.33
C ALA B 176 45.90 17.98 -1.26
N SER B 177 45.47 18.68 -0.21
CA SER B 177 45.79 20.09 -0.01
C SER B 177 45.93 20.36 1.48
N SER B 178 46.28 21.60 1.81
CA SER B 178 46.41 22.01 3.20
C SER B 178 46.37 23.53 3.27
N TYR B 179 45.75 24.06 4.32
CA TYR B 179 45.61 25.50 4.50
C TYR B 179 45.77 25.83 5.98
N LEU B 180 46.73 26.68 6.30
CA LEU B 180 46.90 27.14 7.68
C LEU B 180 47.64 28.47 7.66
N SER B 181 46.92 29.56 7.93
CA SER B 181 47.51 30.89 8.05
C SER B 181 46.90 31.62 9.24
N LEU B 182 46.87 30.94 10.39
CA LEU B 182 46.26 31.46 11.62
C LEU B 182 46.81 32.81 12.04
N THR B 183 47.85 33.31 11.38
CA THR B 183 48.51 34.57 11.68
C THR B 183 47.51 35.72 11.81
N PRO B 184 47.88 36.82 12.48
CA PRO B 184 46.97 37.97 12.64
C PRO B 184 46.61 38.66 11.33
N GLU B 185 46.99 38.05 10.21
CA GLU B 185 46.93 38.54 8.83
C GLU B 185 48.10 39.47 8.52
N GLN B 186 48.94 39.79 9.50
CA GLN B 186 50.27 40.32 9.24
C GLN B 186 51.29 39.18 9.35
N TRP B 187 51.13 38.20 8.45
CA TRP B 187 51.90 36.96 8.52
C TRP B 187 53.40 37.19 8.45
N LYS B 188 53.83 38.33 7.92
CA LYS B 188 55.25 38.61 7.78
C LYS B 188 55.87 38.96 9.13
N SER B 189 55.90 38.00 10.06
CA SER B 189 56.53 38.25 11.34
C SER B 189 58.05 38.05 11.25
N HIS B 190 58.48 36.81 11.04
CA HIS B 190 59.89 36.47 10.83
C HIS B 190 60.01 34.97 10.66
N ARG B 191 61.21 34.54 10.28
CA ARG B 191 61.68 33.15 10.42
C ARG B 191 60.91 32.16 9.54
N SER B 192 60.47 32.63 8.36
CA SER B 192 60.19 31.76 7.21
C SER B 192 59.16 30.68 7.54
N TYR B 193 57.92 31.12 7.74
CA TYR B 193 56.78 30.20 7.81
C TYR B 193 56.85 29.20 6.67
N SER B 194 56.71 27.91 7.01
CA SER B 194 56.98 26.84 6.07
C SER B 194 55.86 25.79 6.14
N CYS B 195 56.00 24.76 5.30
CA CYS B 195 55.08 23.63 5.26
C CYS B 195 55.88 22.36 4.97
N GLN B 196 55.56 21.29 5.69
CA GLN B 196 56.24 20.01 5.52
C GLN B 196 55.23 18.92 5.21
N VAL B 197 55.57 18.05 4.26
CA VAL B 197 54.75 16.90 3.90
C VAL B 197 55.55 15.65 4.22
N THR B 198 55.05 14.84 5.15
CA THR B 198 55.76 13.65 5.63
C THR B 198 54.97 12.42 5.20
N HIS B 199 55.46 11.75 4.16
CA HIS B 199 54.89 10.48 3.73
C HIS B 199 55.39 9.37 4.63
N GLU B 200 54.99 8.13 4.34
CA GLU B 200 55.51 6.98 5.07
C GLU B 200 56.97 6.78 4.71
N GLY B 201 57.86 7.06 5.66
CA GLY B 201 59.28 6.96 5.41
C GLY B 201 59.97 8.31 5.44
N SER B 202 60.41 8.79 4.29
CA SER B 202 61.08 10.08 4.21
C SER B 202 60.06 11.22 4.18
N THR B 203 60.51 12.39 4.61
CA THR B 203 59.67 13.59 4.63
C THR B 203 60.20 14.61 3.63
N VAL B 204 59.28 15.29 2.95
CA VAL B 204 59.62 16.31 1.96
C VAL B 204 59.42 17.68 2.58
N GLU B 205 60.36 18.58 2.32
CA GLU B 205 60.33 19.92 2.88
C GLU B 205 60.35 20.96 1.77
N LYS B 206 59.62 22.06 1.99
CA LYS B 206 59.60 23.18 1.06
C LYS B 206 59.02 24.38 1.78
N THR B 207 59.75 25.50 1.75
CA THR B 207 59.38 26.71 2.48
C THR B 207 59.17 27.86 1.50
N VAL B 208 58.88 29.03 2.07
CA VAL B 208 58.67 30.24 1.28
C VAL B 208 59.66 31.31 1.73
N ALA B 209 59.55 32.50 1.16
CA ALA B 209 60.48 33.57 1.49
C ALA B 209 60.36 33.93 2.97
N PRO B 210 61.49 34.21 3.66
CA PRO B 210 61.47 34.54 5.09
C PRO B 210 61.00 35.97 5.37
N THR B 211 59.82 36.31 4.87
CA THR B 211 59.25 37.64 5.09
C THR B 211 57.73 37.57 5.08
N THR C 3 1.35 -5.29 -45.73
CA THR C 3 2.34 -4.23 -45.89
C THR C 3 2.87 -3.76 -44.54
N ASN C 4 3.12 -2.46 -44.43
CA ASN C 4 3.66 -1.87 -43.21
C ASN C 4 2.50 -1.60 -42.26
N LEU C 5 2.25 -2.55 -41.36
CA LEU C 5 1.19 -2.41 -40.37
C LEU C 5 1.51 -1.27 -39.40
N CYS C 6 0.49 -0.49 -39.07
CA CYS C 6 0.70 0.65 -38.19
C CYS C 6 1.05 0.19 -36.79
N PRO C 7 1.90 0.95 -36.08
CA PRO C 7 2.34 0.52 -34.74
C PRO C 7 1.24 0.61 -33.70
N PHE C 8 0.20 -0.22 -33.81
CA PHE C 8 -0.83 -0.32 -32.80
C PHE C 8 -0.59 -1.46 -31.83
N ASP C 9 0.64 -1.95 -31.74
CA ASP C 9 1.00 -3.04 -30.84
C ASP C 9 1.63 -2.54 -29.56
N GLU C 10 2.52 -1.55 -29.63
CA GLU C 10 3.13 -0.97 -28.44
C GLU C 10 2.31 0.16 -27.85
N VAL C 11 1.38 0.73 -28.61
CA VAL C 11 0.51 1.76 -28.05
C VAL C 11 -0.62 1.14 -27.24
N PHE C 12 -1.05 -0.06 -27.60
CA PHE C 12 -2.11 -0.77 -26.89
C PHE C 12 -1.58 -1.80 -25.90
N ASN C 13 -0.75 -2.71 -26.37
CA ASN C 13 -0.16 -3.74 -25.53
C ASN C 13 1.18 -3.29 -25.02
N ALA C 14 1.17 -2.40 -24.05
CA ALA C 14 2.38 -1.86 -23.48
C ALA C 14 2.52 -2.34 -22.04
N THR C 15 3.76 -2.27 -21.53
CA THR C 15 4.01 -2.73 -20.17
C THR C 15 3.34 -1.84 -19.14
N ARG C 16 3.56 -0.53 -19.24
CA ARG C 16 2.96 0.43 -18.32
C ARG C 16 2.40 1.59 -19.12
N PHE C 17 1.16 1.98 -18.81
CA PHE C 17 0.52 3.07 -19.52
C PHE C 17 0.80 4.40 -18.84
N ALA C 18 0.16 5.46 -19.35
CA ALA C 18 0.41 6.81 -18.89
C ALA C 18 -0.58 7.21 -17.79
N SER C 19 -0.26 8.31 -17.13
CA SER C 19 -1.18 8.92 -16.17
C SER C 19 -2.14 9.86 -16.89
N VAL C 20 -3.17 10.30 -16.15
CA VAL C 20 -4.18 11.16 -16.77
C VAL C 20 -3.63 12.55 -17.04
N TYR C 21 -2.73 13.04 -16.18
CA TYR C 21 -2.18 14.37 -16.35
C TYR C 21 -1.01 14.42 -17.32
N ALA C 22 -0.47 13.27 -17.71
CA ALA C 22 0.69 13.19 -18.61
C ALA C 22 0.42 12.18 -19.72
N TRP C 23 -0.74 12.30 -20.35
CA TRP C 23 -1.10 11.38 -21.42
C TRP C 23 -0.16 11.53 -22.60
N ASN C 24 0.12 10.43 -23.28
CA ASN C 24 1.07 10.45 -24.39
C ASN C 24 0.50 10.45 -25.73
N ARG C 25 0.93 11.32 -26.62
CA ARG C 25 0.48 11.29 -27.97
C ARG C 25 1.44 10.44 -28.75
N LYS C 26 1.07 10.00 -29.92
CA LYS C 26 1.90 9.19 -30.74
C LYS C 26 1.43 9.36 -32.15
N ARG C 27 2.24 9.81 -33.10
CA ARG C 27 1.73 9.97 -34.42
C ARG C 27 1.81 8.69 -35.13
N ILE C 28 0.81 8.35 -35.93
CA ILE C 28 0.81 7.06 -36.57
C ILE C 28 0.62 7.34 -38.01
N SER C 29 1.61 7.12 -38.86
CA SER C 29 1.51 7.49 -40.25
C SER C 29 2.33 6.65 -41.17
N ASN C 30 2.30 6.96 -42.48
CA ASN C 30 3.06 6.18 -43.46
C ASN C 30 2.93 4.68 -43.18
N CYS C 31 1.70 4.23 -42.97
CA CYS C 31 1.43 2.83 -42.70
C CYS C 31 -0.02 2.54 -43.06
N VAL C 32 -0.36 1.25 -43.11
CA VAL C 32 -1.71 0.79 -43.40
C VAL C 32 -2.33 0.30 -42.10
N ALA C 33 -3.30 1.06 -41.60
CA ALA C 33 -3.94 0.71 -40.33
C ALA C 33 -4.94 -0.41 -40.53
N ASP C 34 -4.94 -1.36 -39.60
CA ASP C 34 -5.87 -2.48 -39.60
C ASP C 34 -6.69 -2.40 -38.31
N TYR C 35 -7.89 -1.82 -38.41
CA TYR C 35 -8.74 -1.68 -37.24
C TYR C 35 -9.50 -2.96 -36.96
N SER C 36 -8.78 -4.08 -36.89
CA SER C 36 -9.36 -5.38 -36.58
C SER C 36 -8.57 -6.17 -35.56
N VAL C 37 -7.29 -5.86 -35.34
CA VAL C 37 -6.48 -6.57 -34.34
C VAL C 37 -6.73 -6.05 -32.94
N LEU C 38 -7.49 -4.96 -32.79
CA LEU C 38 -7.79 -4.42 -31.48
C LEU C 38 -8.70 -5.32 -30.65
N TYR C 39 -9.47 -6.18 -31.28
CA TYR C 39 -10.40 -7.07 -30.58
C TYR C 39 -9.75 -8.43 -30.29
N ASN C 40 -8.56 -8.32 -29.69
CA ASN C 40 -7.89 -9.40 -29.00
C ASN C 40 -7.70 -8.88 -27.59
N LEU C 41 -7.77 -7.57 -27.45
CA LEU C 41 -7.56 -6.90 -26.17
C LEU C 41 -8.85 -6.91 -25.36
N ALA C 42 -8.89 -7.75 -24.32
CA ALA C 42 -9.94 -7.74 -23.28
C ALA C 42 -11.36 -8.11 -23.74
N PRO C 43 -11.98 -9.08 -23.06
CA PRO C 43 -13.39 -9.38 -23.28
C PRO C 43 -14.24 -8.12 -23.12
N PHE C 44 -13.86 -7.29 -22.15
CA PHE C 44 -14.59 -6.06 -21.82
C PHE C 44 -13.93 -4.92 -22.57
N PHE C 45 -14.46 -4.60 -23.76
CA PHE C 45 -13.78 -3.71 -24.70
C PHE C 45 -14.82 -2.81 -25.34
N THR C 46 -14.96 -1.58 -24.83
CA THR C 46 -15.84 -0.60 -25.43
C THR C 46 -15.14 0.06 -26.62
N PHE C 47 -15.93 0.39 -27.64
CA PHE C 47 -15.41 0.94 -28.89
C PHE C 47 -16.26 2.13 -29.33
N LYS C 48 -16.50 3.05 -28.40
CA LYS C 48 -17.31 4.22 -28.71
C LYS C 48 -16.59 5.12 -29.70
N CYS C 49 -17.25 5.43 -30.81
CA CYS C 49 -16.69 6.26 -31.85
C CYS C 49 -17.52 7.53 -32.01
N TYR C 50 -16.92 8.56 -32.60
CA TYR C 50 -17.59 9.83 -32.85
C TYR C 50 -17.18 10.34 -34.22
N GLY C 51 -18.18 10.72 -35.02
CA GLY C 51 -17.93 11.30 -36.33
C GLY C 51 -17.63 10.30 -37.43
N VAL C 52 -17.20 9.08 -37.09
CA VAL C 52 -16.87 8.07 -38.08
C VAL C 52 -17.53 6.76 -37.68
N SER C 53 -18.06 6.05 -38.67
CA SER C 53 -18.68 4.76 -38.40
C SER C 53 -17.60 3.71 -38.11
N PRO C 54 -17.84 2.79 -37.18
CA PRO C 54 -16.82 1.78 -36.86
C PRO C 54 -16.44 0.88 -38.03
N THR C 55 -17.21 0.89 -39.12
CA THR C 55 -16.90 0.11 -40.31
C THR C 55 -16.50 0.99 -41.49
N LYS C 56 -16.30 2.29 -41.25
CA LYS C 56 -15.92 3.22 -42.30
C LYS C 56 -14.44 3.58 -42.28
N LEU C 57 -13.71 3.21 -41.22
CA LEU C 57 -12.28 3.51 -41.17
C LEU C 57 -11.50 2.70 -42.19
N ASN C 58 -12.00 1.53 -42.56
CA ASN C 58 -11.34 0.69 -43.55
C ASN C 58 -11.66 1.09 -44.98
N ASP C 59 -12.26 2.26 -45.18
CA ASP C 59 -12.56 2.76 -46.51
C ASP C 59 -12.07 4.18 -46.76
N LEU C 60 -11.66 4.91 -45.73
CA LEU C 60 -11.19 6.27 -45.86
C LEU C 60 -9.67 6.32 -45.64
N CYS C 61 -9.07 7.42 -46.11
CA CYS C 61 -7.65 7.65 -45.98
C CYS C 61 -7.41 8.92 -45.18
N PHE C 62 -6.53 8.83 -44.18
CA PHE C 62 -6.15 9.97 -43.36
C PHE C 62 -4.66 10.23 -43.50
N THR C 63 -4.20 11.34 -42.93
CA THR C 63 -2.79 11.71 -43.01
C THR C 63 -2.03 11.56 -41.71
N ASN C 64 -2.69 11.75 -40.57
CA ASN C 64 -2.01 11.64 -39.27
C ASN C 64 -3.05 11.19 -38.25
N VAL C 65 -3.03 9.90 -37.92
CA VAL C 65 -3.88 9.37 -36.86
C VAL C 65 -3.09 9.36 -35.55
N TYR C 66 -3.59 10.10 -34.57
CA TYR C 66 -2.93 10.21 -33.28
C TYR C 66 -3.56 9.26 -32.28
N ALA C 67 -2.75 8.80 -31.33
CA ALA C 67 -3.17 7.79 -30.35
C ALA C 67 -2.74 8.24 -28.96
N ASP C 68 -3.68 8.78 -28.19
CA ASP C 68 -3.43 9.12 -26.80
C ASP C 68 -3.52 7.86 -25.94
N SER C 69 -3.11 8.01 -24.67
CA SER C 69 -3.12 6.88 -23.75
C SER C 69 -3.07 7.40 -22.32
N PHE C 70 -3.90 6.84 -21.46
CA PHE C 70 -3.95 7.20 -20.05
C PHE C 70 -4.78 6.15 -19.32
N VAL C 71 -4.59 6.12 -18.02
CA VAL C 71 -5.30 5.20 -17.17
C VAL C 71 -6.21 5.91 -16.23
N ILE C 72 -7.51 5.67 -16.36
CA ILE C 72 -8.50 6.30 -15.53
C ILE C 72 -9.31 5.23 -14.82
N ARG C 73 -9.96 5.53 -13.73
CA ARG C 73 -10.80 4.58 -13.06
C ARG C 73 -12.05 4.37 -13.82
N GLY C 74 -12.80 3.38 -13.45
CA GLY C 74 -13.99 3.05 -14.18
C GLY C 74 -15.03 4.09 -14.28
N ASP C 75 -15.42 4.64 -13.17
CA ASP C 75 -16.42 5.67 -13.16
C ASP C 75 -16.01 6.92 -13.86
N GLU C 76 -15.09 6.85 -14.79
CA GLU C 76 -14.59 8.06 -15.37
C GLU C 76 -14.33 7.92 -16.83
N VAL C 77 -14.77 6.86 -17.45
CA VAL C 77 -14.59 6.75 -18.85
C VAL C 77 -15.54 7.68 -19.53
N ARG C 78 -16.81 7.62 -19.22
CA ARG C 78 -17.87 8.46 -19.76
C ARG C 78 -17.40 9.90 -19.92
N GLN C 79 -16.51 10.36 -19.04
CA GLN C 79 -16.02 11.74 -19.13
C GLN C 79 -15.13 11.96 -20.34
N ILE C 80 -14.60 10.89 -20.94
CA ILE C 80 -13.83 11.00 -22.18
C ILE C 80 -14.84 10.94 -23.31
N ALA C 81 -15.42 12.10 -23.62
CA ALA C 81 -16.46 12.22 -24.64
C ALA C 81 -16.58 13.68 -25.02
N PRO C 82 -17.01 13.99 -26.24
CA PRO C 82 -17.15 15.40 -26.64
C PRO C 82 -18.20 16.11 -25.79
N GLY C 83 -17.75 17.13 -25.08
CA GLY C 83 -18.65 17.95 -24.28
C GLY C 83 -19.22 17.25 -23.08
N GLN C 84 -18.36 16.94 -22.10
CA GLN C 84 -18.82 16.31 -20.86
C GLN C 84 -17.91 16.76 -19.73
N THR C 85 -18.51 17.13 -18.61
CA THR C 85 -17.77 17.67 -17.47
C THR C 85 -17.30 16.55 -16.55
N GLY C 86 -16.66 16.93 -15.47
CA GLY C 86 -16.11 16.01 -14.50
C GLY C 86 -14.74 16.48 -14.04
N ASN C 87 -14.27 15.87 -12.94
CA ASN C 87 -12.98 16.25 -12.38
C ASN C 87 -11.79 15.80 -13.22
N ILE C 88 -12.02 14.97 -14.24
CA ILE C 88 -10.97 14.51 -15.13
C ILE C 88 -11.05 15.17 -16.49
N ALA C 89 -12.25 15.37 -17.01
CA ALA C 89 -12.45 15.99 -18.31
C ALA C 89 -12.37 17.51 -18.28
N ASP C 90 -11.88 18.10 -17.18
CA ASP C 90 -11.78 19.55 -17.09
C ASP C 90 -10.37 19.97 -16.70
N TYR C 91 -9.68 19.14 -15.92
CA TYR C 91 -8.35 19.47 -15.43
C TYR C 91 -7.26 18.55 -15.96
N ASN C 92 -7.61 17.43 -16.59
CA ASN C 92 -6.62 16.47 -17.06
C ASN C 92 -6.64 16.29 -18.56
N TYR C 93 -7.80 16.01 -19.15
CA TYR C 93 -7.88 15.78 -20.60
C TYR C 93 -9.30 16.07 -21.05
N LYS C 94 -9.45 17.03 -21.96
CA LYS C 94 -10.76 17.40 -22.50
C LYS C 94 -10.75 17.24 -24.00
N LEU C 95 -11.75 16.52 -24.52
CA LEU C 95 -11.90 16.35 -25.95
C LEU C 95 -12.74 17.47 -26.54
N PRO C 96 -12.44 17.88 -27.78
CA PRO C 96 -13.22 18.96 -28.40
C PRO C 96 -14.67 18.57 -28.60
N ASP C 97 -15.53 19.59 -28.73
CA ASP C 97 -16.94 19.34 -28.95
C ASP C 97 -17.18 18.70 -30.32
N ASP C 98 -16.40 19.10 -31.32
CA ASP C 98 -16.47 18.52 -32.67
C ASP C 98 -15.24 17.63 -32.83
N PHE C 99 -15.37 16.38 -32.41
CA PHE C 99 -14.26 15.42 -32.40
C PHE C 99 -14.52 14.32 -33.42
N THR C 100 -13.45 13.85 -34.05
CA THR C 100 -13.50 12.79 -35.06
C THR C 100 -12.52 11.70 -34.63
N GLY C 101 -13.02 10.70 -33.92
CA GLY C 101 -12.17 9.63 -33.48
C GLY C 101 -12.95 8.50 -32.85
N CYS C 102 -12.25 7.70 -32.06
CA CYS C 102 -12.85 6.54 -31.41
C CYS C 102 -12.17 6.34 -30.06
N VAL C 103 -12.87 6.70 -28.99
CA VAL C 103 -12.35 6.48 -27.65
C VAL C 103 -12.46 5.00 -27.30
N ILE C 104 -11.36 4.42 -26.85
CA ILE C 104 -11.27 2.98 -26.57
C ILE C 104 -10.86 2.82 -25.12
N ALA C 105 -11.54 1.92 -24.41
CA ALA C 105 -11.23 1.64 -23.02
C ALA C 105 -11.44 0.17 -22.73
N TRP C 106 -10.71 -0.33 -21.73
CA TRP C 106 -10.86 -1.72 -21.30
C TRP C 106 -10.30 -1.86 -19.89
N ASN C 107 -10.86 -2.81 -19.15
CA ASN C 107 -10.44 -3.04 -17.77
C ASN C 107 -9.04 -3.65 -17.75
N SER C 108 -8.23 -3.18 -16.81
CA SER C 108 -6.86 -3.65 -16.67
C SER C 108 -6.53 -3.90 -15.20
N ASN C 109 -7.46 -4.54 -14.48
CA ASN C 109 -7.24 -4.83 -13.07
C ASN C 109 -6.16 -5.89 -12.85
N LYS C 110 -5.81 -6.65 -13.88
CA LYS C 110 -4.79 -7.68 -13.77
C LYS C 110 -3.42 -7.20 -14.19
N LEU C 111 -3.34 -6.23 -15.11
CA LEU C 111 -2.05 -5.76 -15.59
C LEU C 111 -1.34 -4.90 -14.54
N ASP C 112 -2.00 -3.83 -14.09
CA ASP C 112 -1.40 -2.89 -13.14
C ASP C 112 -2.35 -2.68 -11.96
N SER C 113 -2.25 -3.56 -10.96
CA SER C 113 -2.97 -3.39 -9.70
C SER C 113 -2.31 -4.29 -8.67
N LYS C 114 -1.57 -3.60 -7.81
CA LYS C 114 -0.81 -4.29 -6.80
C LYS C 114 -1.40 -4.04 -5.46
N VAL C 115 -1.29 -5.01 -4.57
CA VAL C 115 -1.93 -4.91 -3.29
C VAL C 115 -1.24 -4.02 -2.34
N SER C 116 -1.10 -2.77 -2.71
CA SER C 116 -0.38 -1.87 -1.87
C SER C 116 -0.75 -0.46 -2.17
N GLY C 117 -0.89 -0.13 -3.44
CA GLY C 117 -1.11 1.26 -3.79
C GLY C 117 0.26 1.73 -4.19
N ASN C 118 0.39 2.25 -5.38
CA ASN C 118 1.66 2.57 -5.85
C ASN C 118 1.46 3.94 -6.33
N TYR C 119 2.42 4.86 -6.10
CA TYR C 119 2.11 6.17 -6.66
C TYR C 119 2.46 6.22 -8.15
N ASN C 120 1.95 5.25 -8.91
CA ASN C 120 2.29 5.15 -10.32
C ASN C 120 1.34 5.92 -11.22
N TYR C 121 0.06 6.01 -10.85
CA TYR C 121 -0.94 6.69 -11.65
C TYR C 121 -1.46 7.89 -10.87
N LEU C 122 -1.25 9.09 -11.40
CA LEU C 122 -1.64 10.32 -10.75
C LEU C 122 -2.67 11.05 -11.60
N TYR C 123 -3.42 11.94 -10.96
CA TYR C 123 -4.43 12.75 -11.63
C TYR C 123 -4.48 14.12 -10.98
N ARG C 124 -4.78 15.13 -11.79
CA ARG C 124 -4.80 16.51 -11.31
C ARG C 124 -6.13 16.83 -10.65
N LEU C 125 -6.08 17.15 -9.36
CA LEU C 125 -7.29 17.46 -8.61
C LEU C 125 -7.57 18.96 -8.56
N PHE C 126 -6.52 19.78 -8.48
CA PHE C 126 -6.66 21.22 -8.41
C PHE C 126 -5.98 21.87 -9.61
N ARG C 127 -6.65 22.87 -10.19
CA ARG C 127 -6.08 23.64 -11.28
C ARG C 127 -6.76 25.00 -11.30
N LYS C 128 -6.07 25.97 -11.91
CA LYS C 128 -6.60 27.33 -11.95
C LYS C 128 -7.87 27.42 -12.80
N SER C 129 -7.76 27.08 -14.07
CA SER C 129 -8.89 27.09 -14.99
C SER C 129 -8.99 25.74 -15.69
N ASN C 130 -10.01 25.61 -16.54
CA ASN C 130 -10.19 24.37 -17.29
C ASN C 130 -9.20 24.28 -18.44
N LEU C 131 -8.94 23.05 -18.86
CA LEU C 131 -8.00 22.79 -19.94
C LEU C 131 -8.65 23.03 -21.30
N LYS C 132 -7.88 23.60 -22.21
CA LYS C 132 -8.33 23.74 -23.58
C LYS C 132 -8.32 22.38 -24.28
N PRO C 133 -9.05 22.23 -25.37
CA PRO C 133 -9.05 20.95 -26.09
C PRO C 133 -7.64 20.57 -26.54
N PHE C 134 -7.27 19.32 -26.24
CA PHE C 134 -5.96 18.77 -26.58
C PHE C 134 -4.83 19.60 -25.96
N GLU C 135 -4.81 19.63 -24.63
CA GLU C 135 -3.78 20.35 -23.89
C GLU C 135 -3.32 19.51 -22.72
N ARG C 136 -2.01 19.45 -22.53
CA ARG C 136 -1.40 18.69 -21.44
C ARG C 136 -0.59 19.65 -20.56
N ASP C 137 -0.88 19.63 -19.27
CA ASP C 137 -0.19 20.48 -18.30
C ASP C 137 0.55 19.59 -17.31
N ILE C 138 1.83 19.34 -17.58
CA ILE C 138 2.67 18.58 -16.66
C ILE C 138 3.23 19.44 -15.55
N SER C 139 2.86 20.72 -15.49
CA SER C 139 3.34 21.59 -14.43
C SER C 139 2.82 21.12 -13.08
N THR C 140 3.63 21.37 -12.04
CA THR C 140 3.32 20.94 -10.69
C THR C 140 3.54 22.08 -9.70
N GLU C 141 3.06 23.27 -10.05
CA GLU C 141 3.15 24.41 -9.15
C GLU C 141 2.13 24.28 -8.03
N ILE C 142 2.46 24.86 -6.88
CA ILE C 142 1.59 24.79 -5.72
C ILE C 142 0.32 25.59 -5.99
N TYR C 143 -0.82 24.93 -5.85
CA TYR C 143 -2.11 25.55 -6.16
C TYR C 143 -2.51 26.50 -5.03
N GLN C 144 -2.69 27.76 -5.37
CA GLN C 144 -3.13 28.77 -4.40
C GLN C 144 -4.65 28.72 -4.31
N ALA C 145 -5.16 28.20 -3.19
CA ALA C 145 -6.58 28.03 -2.99
C ALA C 145 -7.24 29.17 -2.22
N GLY C 146 -6.46 30.07 -1.65
CA GLY C 146 -7.01 31.18 -0.90
C GLY C 146 -6.61 32.54 -1.44
N ASN C 147 -6.05 33.37 -0.57
CA ASN C 147 -5.59 34.71 -0.96
C ASN C 147 -4.13 34.97 -0.65
N LYS C 148 -3.56 34.29 0.34
CA LYS C 148 -2.16 34.48 0.67
C LYS C 148 -1.27 33.71 -0.30
N PRO C 149 -0.07 34.22 -0.58
CA PRO C 149 0.83 33.50 -1.49
C PRO C 149 1.36 32.23 -0.84
N CYS C 150 1.71 31.26 -1.70
CA CYS C 150 2.17 29.95 -1.22
C CYS C 150 3.67 29.89 -1.02
N ASN C 151 4.44 30.64 -1.80
CA ASN C 151 5.90 30.67 -1.70
C ASN C 151 6.51 29.29 -1.93
N GLY C 152 5.84 28.46 -2.72
CA GLY C 152 6.39 27.16 -3.07
C GLY C 152 6.36 26.12 -1.99
N VAL C 153 5.59 26.34 -0.92
CA VAL C 153 5.46 25.40 0.17
C VAL C 153 4.01 24.97 0.28
N ALA C 154 3.78 23.66 0.32
CA ALA C 154 2.43 23.11 0.42
C ALA C 154 1.99 23.16 1.89
N GLY C 155 1.20 24.17 2.23
CA GLY C 155 0.70 24.35 3.58
C GLY C 155 -0.78 24.63 3.57
N PHE C 156 -1.19 25.55 4.44
CA PHE C 156 -2.60 25.94 4.52
C PHE C 156 -3.00 26.70 3.26
N ASN C 157 -4.15 26.33 2.70
CA ASN C 157 -4.69 26.93 1.48
C ASN C 157 -3.72 26.83 0.31
N CYS C 158 -2.78 25.87 0.38
CA CYS C 158 -1.79 25.68 -0.68
C CYS C 158 -1.57 24.17 -0.81
N TYR C 159 -2.16 23.57 -1.84
CA TYR C 159 -2.18 22.14 -2.00
C TYR C 159 -1.30 21.71 -3.17
N PHE C 160 -0.87 20.46 -3.14
CA PHE C 160 -0.17 19.88 -4.27
C PHE C 160 -1.19 19.47 -5.33
N PRO C 161 -0.99 19.87 -6.60
CA PRO C 161 -2.04 19.70 -7.61
C PRO C 161 -2.15 18.31 -8.21
N LEU C 162 -1.54 17.29 -7.61
CA LEU C 162 -1.58 15.93 -8.15
C LEU C 162 -1.86 14.95 -7.01
N ARG C 163 -2.95 14.21 -7.14
CA ARG C 163 -3.28 13.14 -6.21
C ARG C 163 -3.04 11.79 -6.88
N SER C 164 -2.91 10.75 -6.07
CA SER C 164 -2.57 9.42 -6.54
C SER C 164 -3.77 8.49 -6.40
N TYR C 165 -4.09 7.77 -7.47
CA TYR C 165 -5.16 6.79 -7.44
C TYR C 165 -4.77 5.60 -6.56
N SER C 166 -5.78 4.90 -6.08
CA SER C 166 -5.61 3.68 -5.31
C SER C 166 -6.14 2.52 -6.15
N PHE C 167 -5.26 1.66 -6.62
CA PHE C 167 -5.61 0.54 -7.49
C PHE C 167 -5.32 -0.77 -6.75
N ARG C 168 -6.38 -1.42 -6.29
CA ARG C 168 -6.29 -2.73 -5.67
C ARG C 168 -7.27 -3.69 -6.33
N PRO C 169 -6.89 -4.96 -6.52
CA PRO C 169 -7.78 -5.90 -7.20
C PRO C 169 -9.07 -6.18 -6.46
N THR C 170 -9.14 -5.88 -5.16
CA THR C 170 -10.34 -6.15 -4.38
C THR C 170 -11.43 -5.11 -4.56
N TYR C 171 -11.19 -4.07 -5.36
CA TYR C 171 -12.18 -3.03 -5.58
C TYR C 171 -13.26 -3.51 -6.55
N GLY C 172 -14.36 -2.75 -6.58
CA GLY C 172 -15.43 -3.03 -7.51
C GLY C 172 -15.09 -2.60 -8.92
N VAL C 173 -16.03 -2.86 -9.83
CA VAL C 173 -15.83 -2.51 -11.23
C VAL C 173 -15.73 -1.00 -11.43
N GLY C 174 -16.24 -0.22 -10.48
CA GLY C 174 -16.17 1.22 -10.53
C GLY C 174 -14.94 1.82 -9.90
N HIS C 175 -13.95 1.00 -9.56
CA HIS C 175 -12.68 1.50 -9.01
C HIS C 175 -11.46 0.77 -9.54
N GLN C 176 -11.63 -0.19 -10.45
CA GLN C 176 -10.50 -0.88 -11.05
C GLN C 176 -9.93 -0.07 -12.20
N PRO C 177 -8.61 -0.13 -12.41
CA PRO C 177 -8.00 0.71 -13.46
C PRO C 177 -8.50 0.33 -14.85
N TYR C 178 -8.70 1.35 -15.68
CA TYR C 178 -9.13 1.19 -17.07
C TYR C 178 -8.14 1.90 -17.97
N ARG C 179 -7.51 1.15 -18.87
CA ARG C 179 -6.61 1.72 -19.84
C ARG C 179 -7.40 2.27 -21.02
N VAL C 180 -7.20 3.56 -21.31
CA VAL C 180 -7.97 4.26 -22.33
C VAL C 180 -7.03 4.80 -23.39
N VAL C 181 -7.45 4.68 -24.65
CA VAL C 181 -6.68 5.18 -25.79
C VAL C 181 -7.65 5.87 -26.74
N VAL C 182 -7.33 7.11 -27.09
CA VAL C 182 -8.18 7.94 -27.96
C VAL C 182 -7.51 8.02 -29.32
N LEU C 183 -8.10 7.37 -30.32
CA LEU C 183 -7.57 7.35 -31.67
C LEU C 183 -8.17 8.51 -32.45
N SER C 184 -7.45 9.63 -32.53
CA SER C 184 -7.90 10.76 -33.31
C SER C 184 -7.57 10.56 -34.78
N PHE C 185 -8.27 11.31 -35.63
CA PHE C 185 -8.08 11.25 -37.07
C PHE C 185 -8.18 12.64 -37.64
N GLU C 186 -7.08 13.15 -38.20
CA GLU C 186 -7.07 14.45 -38.85
C GLU C 186 -6.72 14.28 -40.33
N LEU C 187 -7.17 15.23 -41.14
CA LEU C 187 -6.98 15.19 -42.59
C LEU C 187 -6.72 16.61 -43.08
N LEU C 188 -5.45 16.93 -43.31
CA LEU C 188 -5.05 18.24 -43.81
C LEU C 188 -4.85 18.16 -45.33
N HIS C 189 -4.49 19.31 -45.91
CA HIS C 189 -4.21 19.38 -47.35
C HIS C 189 -2.81 18.79 -47.58
N ALA C 190 -2.76 17.46 -47.56
CA ALA C 190 -1.52 16.72 -47.70
C ALA C 190 -1.85 15.32 -48.20
N PRO C 191 -0.91 14.64 -48.86
CA PRO C 191 -1.18 13.28 -49.33
C PRO C 191 -1.44 12.34 -48.16
N ALA C 192 -2.62 11.74 -48.16
CA ALA C 192 -3.01 10.84 -47.07
C ALA C 192 -2.26 9.53 -47.20
N THR C 193 -1.56 9.15 -46.12
CA THR C 193 -0.78 7.92 -46.08
C THR C 193 -1.49 6.79 -45.35
N VAL C 194 -2.12 7.08 -44.20
CA VAL C 194 -2.83 6.07 -43.43
C VAL C 194 -4.14 5.76 -44.14
N CYS C 195 -4.19 4.62 -44.80
CA CYS C 195 -5.39 4.14 -45.47
C CYS C 195 -5.82 2.81 -44.86
N GLY C 196 -6.84 2.20 -45.45
CA GLY C 196 -7.32 0.92 -45.01
C GLY C 196 -6.67 -0.22 -45.78
N PRO C 197 -6.80 -1.44 -45.27
CA PRO C 197 -6.23 -2.60 -45.97
C PRO C 197 -6.98 -2.90 -47.26
N LYS C 198 -6.33 -2.65 -48.40
CA LYS C 198 -6.96 -2.88 -49.70
C LYS C 198 -6.36 -4.11 -50.38
N GLU D 1 -27.91 -12.61 30.27
CA GLU D 1 -26.60 -12.78 29.68
C GLU D 1 -26.41 -11.86 28.49
N VAL D 2 -25.25 -11.96 27.84
CA VAL D 2 -24.97 -11.14 26.66
C VAL D 2 -25.53 -11.84 25.42
N GLN D 3 -26.39 -11.13 24.70
CA GLN D 3 -27.00 -11.65 23.47
C GLN D 3 -26.71 -10.67 22.34
N LEU D 4 -25.84 -11.07 21.41
CA LEU D 4 -25.52 -10.28 20.24
C LEU D 4 -26.34 -10.80 19.06
N VAL D 5 -27.54 -10.26 18.90
CA VAL D 5 -28.42 -10.67 17.83
C VAL D 5 -27.97 -10.00 16.53
N GLU D 6 -27.85 -10.81 15.48
CA GLU D 6 -27.39 -10.33 14.19
C GLU D 6 -28.50 -10.53 13.16
N SER D 7 -28.86 -9.46 12.47
CA SER D 7 -29.94 -9.52 11.49
C SER D 7 -29.53 -8.83 10.19
N GLY D 8 -30.49 -8.69 9.27
CA GLY D 8 -30.23 -8.03 8.01
C GLY D 8 -29.31 -8.80 7.09
N GLY D 9 -29.78 -9.95 6.61
CA GLY D 9 -28.98 -10.78 5.72
C GLY D 9 -29.80 -11.76 4.93
N GLY D 10 -29.45 -11.93 3.66
CA GLY D 10 -30.17 -12.85 2.79
C GLY D 10 -29.50 -13.01 1.45
N LEU D 11 -30.29 -13.02 0.38
CA LEU D 11 -29.78 -13.20 -0.98
C LEU D 11 -29.66 -11.85 -1.67
N VAL D 12 -28.52 -11.61 -2.30
CA VAL D 12 -28.28 -10.40 -3.08
C VAL D 12 -27.54 -10.79 -4.35
N GLN D 13 -27.90 -10.13 -5.45
CA GLN D 13 -27.28 -10.43 -6.73
C GLN D 13 -25.84 -9.93 -6.75
N PRO D 14 -24.98 -10.55 -7.57
CA PRO D 14 -23.61 -10.06 -7.67
C PRO D 14 -23.56 -8.63 -8.22
N GLY D 15 -22.97 -7.74 -7.45
CA GLY D 15 -22.91 -6.34 -7.82
C GLY D 15 -24.02 -5.53 -7.18
N ARG D 16 -24.34 -5.85 -5.93
CA ARG D 16 -25.39 -5.16 -5.19
C ARG D 16 -24.89 -4.80 -3.80
N SER D 17 -25.79 -4.36 -2.91
CA SER D 17 -25.39 -3.95 -1.59
C SER D 17 -26.51 -4.24 -0.58
N LEU D 18 -26.12 -4.75 0.58
CA LEU D 18 -27.02 -4.93 1.71
C LEU D 18 -26.42 -4.27 2.94
N ARG D 19 -27.13 -4.37 4.06
CA ARG D 19 -26.72 -3.72 5.30
C ARG D 19 -27.02 -4.66 6.46
N LEU D 20 -25.99 -5.01 7.22
CA LEU D 20 -26.15 -5.89 8.36
C LEU D 20 -26.31 -5.08 9.64
N SER D 21 -26.81 -5.75 10.68
CA SER D 21 -27.05 -5.12 11.97
C SER D 21 -26.73 -6.10 13.08
N CYS D 22 -26.25 -5.57 14.20
CA CYS D 22 -25.90 -6.38 15.38
C CYS D 22 -26.43 -5.66 16.61
N ALA D 23 -27.65 -6.02 17.02
CA ALA D 23 -28.25 -5.44 18.22
C ALA D 23 -27.67 -6.11 19.46
N ALA D 24 -27.13 -5.30 20.36
CA ALA D 24 -26.48 -5.79 21.57
C ALA D 24 -27.39 -5.58 22.77
N SER D 25 -27.13 -6.36 23.82
CA SER D 25 -27.88 -6.26 25.05
C SER D 25 -27.12 -6.99 26.15
N GLY D 26 -27.45 -6.64 27.40
CA GLY D 26 -26.85 -7.27 28.55
C GLY D 26 -25.59 -6.61 29.06
N PHE D 27 -24.85 -5.91 28.22
CA PHE D 27 -23.64 -5.22 28.61
C PHE D 27 -23.73 -3.77 28.17
N THR D 28 -22.67 -3.00 28.46
CA THR D 28 -22.61 -1.59 28.12
C THR D 28 -22.01 -1.45 26.72
N PHE D 29 -22.84 -1.07 25.75
CA PHE D 29 -22.37 -0.88 24.39
C PHE D 29 -21.76 0.52 24.25
N ASP D 30 -20.88 0.88 25.17
CA ASP D 30 -20.17 2.14 25.10
C ASP D 30 -18.71 2.04 25.53
N ASP D 31 -18.23 0.84 25.87
CA ASP D 31 -16.85 0.69 26.33
C ASP D 31 -16.17 -0.54 25.75
N TYR D 32 -16.89 -1.35 24.98
CA TYR D 32 -16.33 -2.56 24.38
C TYR D 32 -16.27 -2.42 22.88
N ALA D 33 -15.14 -2.82 22.29
CA ALA D 33 -15.00 -2.83 20.85
C ALA D 33 -15.65 -4.08 20.27
N ILE D 34 -16.39 -3.91 19.18
CA ILE D 34 -17.10 -5.00 18.54
C ILE D 34 -16.65 -5.09 17.09
N HIS D 35 -16.28 -6.30 16.67
CA HIS D 35 -15.73 -6.54 15.34
C HIS D 35 -16.71 -7.35 14.50
N TRP D 36 -16.38 -7.48 13.22
CA TRP D 36 -17.09 -8.34 12.28
C TRP D 36 -16.13 -9.39 11.76
N VAL D 37 -16.55 -10.66 11.82
CA VAL D 37 -15.73 -11.78 11.38
C VAL D 37 -16.62 -12.76 10.63
N ARG D 38 -16.23 -13.10 9.40
CA ARG D 38 -17.02 -13.97 8.55
C ARG D 38 -16.52 -15.42 8.64
N GLN D 39 -17.31 -16.34 8.10
CA GLN D 39 -16.90 -17.74 7.99
C GLN D 39 -17.73 -18.45 6.93
N ALA D 40 -17.10 -18.83 5.83
CA ALA D 40 -17.75 -19.61 4.80
C ALA D 40 -17.98 -21.03 5.32
N PRO D 41 -18.74 -21.87 4.62
CA PRO D 41 -18.78 -23.30 5.02
C PRO D 41 -17.38 -23.88 5.01
N GLY D 42 -16.89 -24.25 6.19
CA GLY D 42 -15.49 -24.61 6.32
C GLY D 42 -14.61 -23.41 6.04
N LYS D 43 -13.48 -23.67 5.40
CA LYS D 43 -12.59 -22.63 4.87
C LYS D 43 -12.11 -21.68 5.98
N GLY D 44 -12.14 -22.17 7.22
CA GLY D 44 -11.67 -21.40 8.35
C GLY D 44 -12.44 -20.11 8.59
N LEU D 45 -11.84 -19.19 9.34
CA LEU D 45 -12.45 -17.92 9.67
C LEU D 45 -11.72 -16.79 8.95
N GLU D 46 -12.32 -15.60 9.01
CA GLU D 46 -11.75 -14.43 8.36
C GLU D 46 -12.32 -13.17 9.02
N TRP D 47 -11.43 -12.22 9.31
CA TRP D 47 -11.81 -11.00 10.00
C TRP D 47 -12.23 -9.95 8.99
N VAL D 48 -13.47 -9.46 9.10
CA VAL D 48 -13.99 -8.49 8.13
C VAL D 48 -13.59 -7.07 8.51
N SER D 49 -14.04 -6.61 9.68
CA SER D 49 -13.77 -5.26 10.13
C SER D 49 -14.00 -5.18 11.63
N GLY D 50 -13.75 -4.00 12.19
CA GLY D 50 -13.95 -3.79 13.61
C GLY D 50 -14.00 -2.31 13.93
N ILE D 51 -14.58 -2.00 15.09
CA ILE D 51 -14.74 -0.63 15.54
C ILE D 51 -14.59 -0.58 17.05
N THR D 52 -14.11 0.55 17.55
CA THR D 52 -13.84 0.76 18.96
C THR D 52 -15.09 1.33 19.65
N TRP D 53 -14.98 1.66 20.94
CA TRP D 53 -16.10 2.23 21.66
C TRP D 53 -16.47 3.59 21.07
N ASN D 54 -15.47 4.46 20.91
CA ASN D 54 -15.65 5.61 20.02
C ASN D 54 -15.71 5.11 18.59
N SER D 55 -16.54 5.75 17.77
CA SER D 55 -16.86 5.18 16.46
C SER D 55 -15.68 5.32 15.50
N GLY D 56 -14.57 4.64 15.81
CA GLY D 56 -13.40 4.68 14.96
C GLY D 56 -13.04 3.31 14.43
N THR D 57 -12.98 3.18 13.11
CA THR D 57 -12.73 1.88 12.49
C THR D 57 -11.32 1.41 12.78
N ILE D 58 -11.20 0.17 13.27
CA ILE D 58 -9.91 -0.43 13.57
C ILE D 58 -9.22 -0.96 12.32
N GLY D 59 -9.85 -0.87 11.17
CA GLY D 59 -9.28 -1.32 9.92
C GLY D 59 -10.15 -2.35 9.21
N TYR D 60 -9.76 -2.60 7.97
CA TYR D 60 -10.42 -3.60 7.13
C TYR D 60 -9.40 -4.62 6.64
N ALA D 61 -9.88 -5.82 6.33
CA ALA D 61 -9.02 -6.81 5.73
C ALA D 61 -8.73 -6.45 4.27
N ASP D 62 -7.63 -6.98 3.76
CA ASP D 62 -7.24 -6.69 2.38
C ASP D 62 -7.95 -7.63 1.40
N SER D 63 -9.25 -7.78 1.59
CA SER D 63 -10.12 -8.43 0.62
C SER D 63 -11.47 -7.73 0.45
N VAL D 64 -11.87 -6.87 1.38
CA VAL D 64 -13.17 -6.20 1.30
C VAL D 64 -12.97 -4.71 1.57
N LYS D 65 -11.75 -4.23 1.48
CA LYS D 65 -11.50 -2.80 1.69
C LYS D 65 -11.91 -2.00 0.57
N GLY D 66 -12.67 -1.00 0.85
CA GLY D 66 -13.03 -0.01 -0.09
C GLY D 66 -14.34 -0.36 -0.66
N ARG D 67 -14.82 -1.47 -0.16
CA ARG D 67 -16.19 -1.88 -0.49
C ARG D 67 -17.10 -1.99 0.72
N PHE D 68 -16.57 -2.27 1.90
CA PHE D 68 -17.36 -2.34 3.12
C PHE D 68 -17.17 -1.06 3.93
N THR D 69 -18.10 -0.83 4.86
CA THR D 69 -18.06 0.34 5.72
C THR D 69 -18.77 0.01 7.03
N ILE D 70 -18.03 0.00 8.11
CA ILE D 70 -18.57 -0.33 9.43
C ILE D 70 -18.98 0.97 10.13
N SER D 71 -20.14 0.93 10.80
CA SER D 71 -20.66 2.06 11.54
C SER D 71 -21.04 1.60 12.94
N ARG D 72 -21.40 2.57 13.79
CA ARG D 72 -21.76 2.26 15.17
C ARG D 72 -22.60 3.39 15.72
N ASP D 73 -23.70 3.04 16.38
CA ASP D 73 -24.57 3.99 17.05
C ASP D 73 -24.63 3.62 18.53
N ASN D 74 -24.21 4.54 19.39
CA ASN D 74 -24.18 4.30 20.82
C ASN D 74 -25.51 4.62 21.50
N ALA D 75 -26.34 5.47 20.90
CA ALA D 75 -27.65 5.76 21.48
C ALA D 75 -28.52 4.51 21.49
N LYS D 76 -28.80 3.96 20.32
CA LYS D 76 -29.46 2.67 20.19
C LYS D 76 -28.39 1.61 19.97
N ASN D 77 -28.28 0.66 20.90
CA ASN D 77 -27.20 -0.31 20.85
C ASN D 77 -27.33 -1.18 19.61
N SER D 78 -26.48 -0.93 18.62
CA SER D 78 -26.53 -1.65 17.36
C SER D 78 -25.27 -1.31 16.56
N LEU D 79 -24.80 -2.29 15.79
CA LEU D 79 -23.70 -2.11 14.87
C LEU D 79 -24.20 -2.24 13.44
N TYR D 80 -23.40 -1.77 12.50
CA TYR D 80 -23.78 -1.81 11.09
C TYR D 80 -22.55 -2.10 10.24
N LEU D 81 -22.79 -2.74 9.09
CA LEU D 81 -21.71 -3.05 8.15
C LEU D 81 -22.30 -3.03 6.75
N GLN D 82 -22.16 -1.90 6.06
CA GLN D 82 -22.60 -1.82 4.67
C GLN D 82 -21.65 -2.60 3.78
N MET D 83 -22.22 -3.33 2.82
CA MET D 83 -21.45 -4.21 1.93
C MET D 83 -21.77 -3.85 0.48
N ASN D 84 -21.04 -2.90 -0.07
CA ASN D 84 -21.23 -2.50 -1.45
C ASN D 84 -20.37 -3.37 -2.38
N SER D 85 -20.90 -3.61 -3.57
CA SER D 85 -20.21 -4.39 -4.61
C SER D 85 -19.83 -5.78 -4.11
N LEU D 86 -20.85 -6.55 -3.75
CA LEU D 86 -20.64 -7.91 -3.28
C LEU D 86 -20.36 -8.84 -4.46
N ARG D 87 -19.33 -9.66 -4.32
CA ARG D 87 -18.94 -10.64 -5.33
C ARG D 87 -19.24 -12.05 -4.84
N ALA D 88 -18.85 -13.03 -5.65
CA ALA D 88 -19.17 -14.42 -5.36
C ALA D 88 -18.42 -14.97 -4.16
N GLU D 89 -17.27 -14.38 -3.80
CA GLU D 89 -16.50 -14.90 -2.69
C GLU D 89 -17.00 -14.40 -1.33
N ASP D 90 -17.92 -13.45 -1.31
CA ASP D 90 -18.47 -12.94 -0.05
C ASP D 90 -19.75 -13.69 0.33
N THR D 91 -19.66 -15.02 0.37
CA THR D 91 -20.76 -15.89 0.76
C THR D 91 -20.32 -16.63 2.02
N ALA D 92 -20.63 -16.05 3.18
CA ALA D 92 -20.13 -16.59 4.44
C ALA D 92 -21.19 -16.40 5.52
N LEU D 93 -20.85 -16.84 6.72
CA LEU D 93 -21.72 -16.73 7.90
C LEU D 93 -21.09 -15.68 8.81
N TYR D 94 -21.52 -14.43 8.63
CA TYR D 94 -20.90 -13.31 9.35
C TYR D 94 -21.26 -13.35 10.83
N TYR D 95 -20.28 -13.07 11.67
CA TYR D 95 -20.44 -13.07 13.12
C TYR D 95 -20.28 -11.67 13.68
N CYS D 96 -20.86 -11.47 14.85
CA CYS D 96 -20.69 -10.23 15.62
C CYS D 96 -20.02 -10.58 16.93
N ALA D 97 -18.76 -10.18 17.08
CA ALA D 97 -17.95 -10.58 18.21
C ALA D 97 -17.62 -9.38 19.09
N LYS D 98 -17.65 -9.60 20.40
CA LYS D 98 -17.33 -8.56 21.38
C LYS D 98 -15.84 -8.62 21.69
N HIS D 99 -15.41 -7.93 22.74
CA HIS D 99 -14.01 -7.89 23.12
C HIS D 99 -13.91 -7.48 24.59
N HIS D 100 -13.20 -8.28 25.38
CA HIS D 100 -12.91 -7.92 26.75
C HIS D 100 -11.86 -6.80 26.78
N GLN D 101 -11.37 -6.50 27.99
CA GLN D 101 -10.26 -5.57 28.12
C GLN D 101 -10.59 -4.21 27.53
N ILE D 102 -11.49 -3.46 28.18
CA ILE D 102 -12.13 -2.27 27.62
C ILE D 102 -11.11 -1.22 27.19
N ALA D 103 -9.83 -1.49 27.43
CA ALA D 103 -8.74 -0.73 26.82
C ALA D 103 -8.72 0.74 27.23
N VAL D 104 -8.39 1.00 28.49
CA VAL D 104 -8.12 2.36 28.98
C VAL D 104 -7.11 3.02 28.04
N ALA D 105 -7.22 4.34 27.89
CA ALA D 105 -6.46 5.08 26.89
C ALA D 105 -4.98 4.72 26.88
N GLY D 106 -4.42 4.43 28.05
CA GLY D 106 -3.04 3.98 28.11
C GLY D 106 -2.93 2.47 28.10
N ASP D 107 -2.69 1.89 26.92
CA ASP D 107 -2.61 0.45 26.75
C ASP D 107 -2.17 0.17 25.33
N ALA D 108 -1.72 -1.07 25.11
CA ALA D 108 -1.28 -1.53 23.80
C ALA D 108 -2.47 -2.15 23.06
N GLU D 109 -2.52 -1.93 21.75
CA GLU D 109 -3.64 -2.42 20.95
C GLU D 109 -3.59 -3.95 20.83
N ASP D 110 -4.65 -4.60 21.30
CA ASP D 110 -4.77 -6.06 21.21
C ASP D 110 -6.24 -6.42 21.34
N TYR D 111 -6.78 -7.09 20.33
CA TYR D 111 -8.22 -7.37 20.27
C TYR D 111 -8.43 -8.87 20.25
N TYR D 112 -9.12 -9.38 21.26
CA TYR D 112 -9.54 -10.77 21.31
C TYR D 112 -11.03 -10.83 21.63
N PHE D 113 -11.71 -11.84 21.09
CA PHE D 113 -13.16 -11.93 21.12
C PHE D 113 -13.59 -12.94 22.19
N ASP D 114 -14.51 -12.53 23.06
CA ASP D 114 -14.97 -13.37 24.14
C ASP D 114 -16.45 -13.73 24.08
N TYR D 115 -17.30 -12.87 23.52
CA TYR D 115 -18.73 -13.15 23.40
C TYR D 115 -19.11 -13.01 21.94
N TRP D 116 -19.34 -14.13 21.27
CA TRP D 116 -19.73 -14.14 19.87
C TRP D 116 -21.25 -14.15 19.75
N GLY D 117 -21.72 -13.93 18.54
CA GLY D 117 -23.13 -13.97 18.22
C GLY D 117 -23.56 -15.33 17.70
N GLN D 118 -24.63 -15.33 16.91
CA GLN D 118 -25.12 -16.55 16.30
C GLN D 118 -24.88 -16.63 14.80
N GLY D 119 -24.91 -15.50 14.09
CA GLY D 119 -24.60 -15.49 12.69
C GLY D 119 -25.75 -15.07 11.79
N THR D 120 -25.42 -14.67 10.56
CA THR D 120 -26.42 -14.25 9.58
C THR D 120 -25.89 -14.62 8.20
N LEU D 121 -26.44 -15.68 7.61
CA LEU D 121 -25.94 -16.17 6.33
C LEU D 121 -26.23 -15.16 5.23
N VAL D 122 -25.19 -14.75 4.52
CA VAL D 122 -25.29 -13.82 3.40
C VAL D 122 -24.79 -14.55 2.17
N THR D 123 -25.69 -14.86 1.24
CA THR D 123 -25.36 -15.55 0.01
C THR D 123 -25.45 -14.60 -1.16
N VAL D 124 -24.44 -14.62 -2.02
CA VAL D 124 -24.35 -13.74 -3.17
C VAL D 124 -24.35 -14.63 -4.41
N SER D 125 -25.50 -14.71 -5.08
CA SER D 125 -25.65 -15.49 -6.29
C SER D 125 -26.67 -14.82 -7.20
N SER D 126 -26.81 -15.37 -8.40
CA SER D 126 -27.72 -14.84 -9.39
C SER D 126 -29.05 -15.59 -9.45
N ALA D 127 -29.21 -16.64 -8.65
CA ALA D 127 -30.45 -17.41 -8.66
C ALA D 127 -31.57 -16.63 -7.97
N SER D 128 -32.77 -17.19 -8.04
CA SER D 128 -33.95 -16.56 -7.45
C SER D 128 -34.40 -17.33 -6.21
N THR D 129 -35.12 -16.63 -5.34
CA THR D 129 -35.60 -17.23 -4.11
C THR D 129 -36.79 -18.13 -4.37
N LYS D 130 -36.75 -19.35 -3.85
CA LYS D 130 -37.85 -20.30 -3.95
C LYS D 130 -38.48 -20.51 -2.58
N GLY D 131 -39.66 -21.10 -2.57
CA GLY D 131 -40.39 -21.34 -1.36
C GLY D 131 -40.44 -22.81 -0.98
N PRO D 132 -40.49 -23.09 0.32
CA PRO D 132 -40.56 -24.48 0.77
C PRO D 132 -41.84 -25.17 0.32
N SER D 133 -41.84 -26.48 0.45
CA SER D 133 -42.93 -27.36 0.06
C SER D 133 -43.25 -28.34 1.18
N VAL D 134 -43.44 -27.81 2.39
CA VAL D 134 -43.57 -28.60 3.61
C VAL D 134 -44.58 -29.72 3.45
N PHE D 135 -44.13 -30.95 3.67
CA PHE D 135 -44.98 -32.14 3.58
C PHE D 135 -44.83 -32.93 4.88
N PRO D 136 -45.94 -33.39 5.46
CA PRO D 136 -45.84 -34.13 6.73
C PRO D 136 -45.47 -35.58 6.50
N LEU D 137 -44.51 -36.07 7.29
CA LEU D 137 -44.14 -37.48 7.25
C LEU D 137 -45.16 -38.30 8.02
N ALA D 138 -45.36 -39.54 7.58
CA ALA D 138 -46.40 -40.40 8.15
C ALA D 138 -45.83 -41.19 9.31
N PRO D 139 -46.32 -41.01 10.53
CA PRO D 139 -45.86 -41.83 11.66
C PRO D 139 -46.55 -43.19 11.68
N SER D 140 -46.03 -44.15 10.93
CA SER D 140 -46.63 -45.47 10.84
C SER D 140 -46.75 -46.12 12.22
N SER D 141 -47.84 -46.86 12.41
CA SER D 141 -48.13 -47.50 13.69
C SER D 141 -47.41 -48.85 13.78
N LYS D 142 -46.16 -48.79 14.24
CA LYS D 142 -45.36 -49.97 14.43
C LYS D 142 -45.47 -50.48 15.87
N SER D 143 -44.91 -51.65 16.12
CA SER D 143 -44.93 -52.27 17.44
C SER D 143 -43.56 -52.80 17.80
N THR D 144 -42.51 -52.03 17.50
CA THR D 144 -41.16 -52.46 17.83
C THR D 144 -40.88 -52.30 19.32
N SER D 145 -41.29 -51.18 19.91
CA SER D 145 -41.07 -50.91 21.32
C SER D 145 -42.24 -50.08 21.84
N GLY D 146 -42.05 -49.46 23.00
CA GLY D 146 -43.10 -48.64 23.58
C GLY D 146 -43.25 -47.29 22.89
N GLY D 147 -42.17 -46.78 22.31
CA GLY D 147 -42.20 -45.49 21.64
C GLY D 147 -41.73 -45.56 20.21
N THR D 148 -42.08 -46.63 19.50
CA THR D 148 -41.63 -46.83 18.14
C THR D 148 -42.36 -45.93 17.16
N ALA D 149 -42.15 -44.62 17.27
CA ALA D 149 -42.77 -43.66 16.38
C ALA D 149 -41.72 -42.71 15.83
N ALA D 150 -42.03 -42.09 14.69
CA ALA D 150 -41.14 -41.12 14.06
C ALA D 150 -41.97 -40.28 13.10
N LEU D 151 -42.07 -38.99 13.37
CA LEU D 151 -42.85 -38.07 12.55
C LEU D 151 -42.09 -36.77 12.36
N GLY D 152 -42.33 -36.12 11.24
CA GLY D 152 -41.64 -34.88 10.96
C GLY D 152 -42.09 -34.28 9.65
N CYS D 153 -41.32 -33.30 9.18
CA CYS D 153 -41.61 -32.55 7.97
C CYS D 153 -40.57 -32.88 6.90
N LEU D 154 -40.88 -32.47 5.67
CA LEU D 154 -40.08 -32.81 4.49
C LEU D 154 -39.87 -31.57 3.63
N VAL D 155 -39.39 -30.49 4.26
CA VAL D 155 -39.11 -29.24 3.55
C VAL D 155 -38.22 -29.51 2.35
N LYS D 156 -38.55 -28.91 1.22
CA LYS D 156 -37.84 -29.17 -0.03
C LYS D 156 -37.95 -27.96 -0.94
N ASP D 157 -37.01 -27.88 -1.89
CA ASP D 157 -37.03 -26.88 -2.97
C ASP D 157 -36.98 -25.45 -2.41
N TYR D 158 -35.85 -25.14 -1.78
CA TYR D 158 -35.57 -23.78 -1.33
C TYR D 158 -34.10 -23.47 -1.59
N PHE D 159 -33.84 -22.35 -2.29
CA PHE D 159 -32.47 -22.07 -2.72
C PHE D 159 -31.60 -21.56 -1.57
N PRO D 160 -31.95 -20.48 -0.88
CA PRO D 160 -31.11 -20.05 0.25
C PRO D 160 -31.32 -20.99 1.42
N GLU D 161 -30.29 -21.13 2.26
CA GLU D 161 -30.30 -22.08 3.36
C GLU D 161 -30.12 -21.41 4.72
N PRO D 162 -31.02 -20.50 5.11
CA PRO D 162 -31.10 -20.09 6.52
C PRO D 162 -32.21 -20.76 7.31
N VAL D 163 -32.87 -21.78 6.75
CA VAL D 163 -34.11 -22.30 7.32
C VAL D 163 -33.88 -22.75 8.76
N THR D 164 -34.82 -22.37 9.63
CA THR D 164 -34.81 -22.76 11.04
C THR D 164 -36.18 -23.35 11.34
N VAL D 165 -36.33 -24.65 11.07
CA VAL D 165 -37.58 -25.34 11.36
C VAL D 165 -37.69 -25.57 12.86
N SER D 166 -38.91 -25.48 13.38
CA SER D 166 -39.14 -25.63 14.80
C SER D 166 -40.56 -26.12 15.02
N TRP D 167 -40.74 -27.01 16.00
CA TRP D 167 -42.04 -27.52 16.35
C TRP D 167 -42.73 -26.54 17.30
N ASN D 168 -43.81 -26.98 17.94
CA ASN D 168 -44.59 -26.14 18.85
C ASN D 168 -43.67 -25.42 19.84
N SER D 169 -43.66 -24.09 19.74
CA SER D 169 -42.75 -23.27 20.52
C SER D 169 -42.97 -23.42 22.02
N GLY D 170 -41.91 -23.72 22.76
CA GLY D 170 -42.01 -23.87 24.20
C GLY D 170 -42.72 -25.12 24.65
N ALA D 171 -43.03 -26.03 23.73
CA ALA D 171 -43.74 -27.27 24.07
C ALA D 171 -42.91 -28.51 23.80
N LEU D 172 -42.34 -28.65 22.61
CA LEU D 172 -41.58 -29.83 22.23
C LEU D 172 -40.09 -29.52 22.33
N THR D 173 -39.39 -30.19 23.25
CA THR D 173 -37.96 -30.02 23.43
C THR D 173 -37.24 -31.36 23.47
N SER D 174 -37.90 -32.44 23.07
CA SER D 174 -37.29 -33.76 23.04
C SER D 174 -36.39 -33.88 21.81
N GLY D 175 -35.97 -35.10 21.50
CA GLY D 175 -35.14 -35.32 20.33
C GLY D 175 -35.81 -34.87 19.05
N VAL D 176 -35.35 -33.74 18.52
CA VAL D 176 -35.95 -33.12 17.35
C VAL D 176 -34.90 -32.99 16.26
N HIS D 177 -33.99 -33.98 16.19
CA HIS D 177 -32.82 -33.92 15.31
C HIS D 177 -33.16 -33.47 13.91
N THR D 178 -32.62 -32.32 13.51
CA THR D 178 -32.86 -31.73 12.20
C THR D 178 -31.70 -32.09 11.29
N PHE D 179 -31.98 -32.89 10.27
CA PHE D 179 -30.92 -33.32 9.37
C PHE D 179 -30.52 -32.16 8.45
N PRO D 180 -29.23 -32.01 8.15
CA PRO D 180 -28.78 -30.92 7.28
C PRO D 180 -29.35 -31.04 5.88
N ALA D 181 -29.23 -29.94 5.14
CA ALA D 181 -29.76 -29.88 3.79
C ALA D 181 -28.78 -30.48 2.78
N VAL D 182 -29.24 -30.63 1.55
CA VAL D 182 -28.42 -31.19 0.48
C VAL D 182 -28.60 -30.34 -0.77
N LEU D 183 -27.49 -29.94 -1.40
CA LEU D 183 -27.53 -29.17 -2.63
C LEU D 183 -27.58 -30.15 -3.81
N GLN D 184 -28.80 -30.58 -4.12
CA GLN D 184 -29.00 -31.52 -5.21
C GLN D 184 -28.67 -30.87 -6.56
N SER D 185 -28.71 -31.67 -7.62
CA SER D 185 -28.34 -31.18 -8.93
C SER D 185 -29.49 -30.43 -9.59
N SER D 186 -30.09 -29.50 -8.85
CA SER D 186 -31.11 -28.62 -9.40
C SER D 186 -30.99 -27.20 -8.87
N GLY D 187 -30.00 -26.90 -8.04
CA GLY D 187 -29.86 -25.59 -7.44
C GLY D 187 -30.58 -25.41 -6.12
N LEU D 188 -31.48 -26.33 -5.75
CA LEU D 188 -32.29 -26.19 -4.56
C LEU D 188 -31.80 -27.14 -3.47
N TYR D 189 -32.46 -27.09 -2.32
CA TYR D 189 -32.11 -27.89 -1.15
C TYR D 189 -33.30 -28.75 -0.73
N SER D 190 -33.10 -29.50 0.36
CA SER D 190 -34.13 -30.35 0.94
C SER D 190 -33.72 -30.68 2.36
N LEU D 191 -34.69 -30.64 3.27
CA LEU D 191 -34.40 -30.81 4.69
C LEU D 191 -35.52 -31.63 5.34
N SER D 192 -35.14 -32.38 6.37
CA SER D 192 -36.09 -33.14 7.18
C SER D 192 -35.83 -32.89 8.65
N SER D 193 -36.85 -33.12 9.47
CA SER D 193 -36.75 -32.92 10.91
C SER D 193 -37.72 -33.88 11.59
N VAL D 194 -37.19 -35.00 12.09
CA VAL D 194 -38.00 -36.07 12.67
C VAL D 194 -37.84 -36.04 14.18
N VAL D 195 -38.96 -36.17 14.89
CA VAL D 195 -38.98 -36.19 16.35
C VAL D 195 -39.26 -37.61 16.81
N THR D 196 -38.71 -37.96 17.99
CA THR D 196 -38.91 -39.29 18.54
C THR D 196 -40.39 -39.55 18.83
N VAL D 197 -40.98 -38.75 19.72
CA VAL D 197 -42.41 -38.83 20.04
C VAL D 197 -42.80 -40.25 20.46
N PRO D 198 -42.47 -40.69 21.68
CA PRO D 198 -42.99 -41.98 22.16
C PRO D 198 -44.50 -42.09 21.98
N SER D 199 -45.03 -43.31 21.95
CA SER D 199 -46.39 -43.55 21.46
C SER D 199 -47.42 -42.67 22.15
N SER D 200 -47.95 -41.70 21.39
CA SER D 200 -48.95 -40.78 21.89
C SER D 200 -50.01 -40.50 20.83
N SER D 201 -50.30 -41.47 19.98
CA SER D 201 -51.30 -41.29 18.94
C SER D 201 -52.66 -40.95 19.56
N LEU D 202 -53.29 -39.91 19.02
CA LEU D 202 -54.53 -39.35 19.58
C LEU D 202 -54.33 -38.91 21.03
N GLY D 203 -53.10 -38.52 21.36
CA GLY D 203 -52.78 -38.10 22.71
C GLY D 203 -52.48 -36.61 22.81
N THR D 204 -51.19 -36.26 22.83
CA THR D 204 -50.81 -34.85 22.88
C THR D 204 -51.33 -34.10 21.66
N GLN D 205 -51.17 -34.69 20.48
CA GLN D 205 -51.68 -34.11 19.23
C GLN D 205 -51.13 -32.70 19.00
N THR D 206 -49.84 -32.53 19.26
CA THR D 206 -49.14 -31.27 19.06
C THR D 206 -48.12 -31.38 17.93
N TYR D 207 -48.47 -32.15 16.89
CA TYR D 207 -47.56 -32.38 15.76
C TYR D 207 -47.69 -31.23 14.79
N ILE D 208 -47.12 -30.09 15.18
CA ILE D 208 -47.15 -28.87 14.38
C ILE D 208 -45.72 -28.51 14.02
N CYS D 209 -45.40 -28.55 12.72
CA CYS D 209 -44.07 -28.23 12.22
C CYS D 209 -44.10 -26.83 11.62
N ASN D 210 -43.43 -25.90 12.29
CA ASN D 210 -43.35 -24.51 11.83
C ASN D 210 -42.07 -24.34 11.02
N VAL D 211 -42.23 -24.00 9.75
CA VAL D 211 -41.10 -23.83 8.82
C VAL D 211 -41.04 -22.35 8.44
N ASN D 212 -39.92 -21.71 8.78
CA ASN D 212 -39.70 -20.30 8.48
C ASN D 212 -38.56 -20.17 7.48
N HIS D 213 -38.81 -19.47 6.38
CA HIS D 213 -37.81 -19.17 5.37
C HIS D 213 -37.75 -17.65 5.21
N LYS D 214 -36.69 -17.05 5.74
CA LYS D 214 -36.59 -15.59 5.75
C LYS D 214 -36.52 -14.97 4.36
N PRO D 215 -35.72 -15.49 3.40
CA PRO D 215 -35.67 -14.85 2.08
C PRO D 215 -36.98 -14.90 1.31
N SER D 216 -37.98 -15.61 1.84
CA SER D 216 -39.28 -15.68 1.21
C SER D 216 -40.44 -15.34 2.14
N ASN D 217 -40.21 -15.27 3.46
CA ASN D 217 -41.23 -14.91 4.44
C ASN D 217 -42.43 -15.86 4.36
N THR D 218 -42.16 -17.14 4.14
CA THR D 218 -43.20 -18.17 4.05
C THR D 218 -43.20 -18.94 5.37
N LYS D 219 -43.92 -18.40 6.35
CA LYS D 219 -44.05 -19.06 7.64
C LYS D 219 -45.17 -20.10 7.53
N VAL D 220 -44.78 -21.35 7.32
CA VAL D 220 -45.74 -22.44 7.13
C VAL D 220 -46.09 -23.02 8.49
N ASP D 221 -47.35 -23.43 8.63
CA ASP D 221 -47.90 -23.97 9.86
C ASP D 221 -48.49 -25.34 9.62
N LYS D 222 -47.73 -26.20 8.95
CA LYS D 222 -48.22 -27.53 8.58
C LYS D 222 -48.47 -28.37 9.82
N LYS D 223 -49.54 -29.16 9.77
CA LYS D 223 -49.92 -30.05 10.86
C LYS D 223 -49.75 -31.50 10.41
N VAL D 224 -49.22 -32.32 11.31
CA VAL D 224 -48.93 -33.72 11.02
C VAL D 224 -49.93 -34.60 11.76
N GLU D 225 -50.42 -35.63 11.08
CA GLU D 225 -51.38 -36.57 11.66
C GLU D 225 -51.08 -37.96 11.12
N PRO D 226 -51.37 -39.02 11.90
CA PRO D 226 -51.14 -40.40 11.48
C PRO D 226 -51.86 -40.77 10.19
N TYR E 2 0.77 -10.14 7.72
CA TYR E 2 1.06 -11.33 8.51
C TYR E 2 0.34 -12.54 7.93
N GLU E 3 0.86 -13.74 8.22
CA GLU E 3 0.27 -14.97 7.70
C GLU E 3 0.61 -16.09 8.68
N LEU E 4 -0.36 -16.49 9.48
CA LEU E 4 -0.17 -17.61 10.39
C LEU E 4 -0.21 -18.93 9.64
N THR E 5 0.26 -19.98 10.29
CA THR E 5 0.34 -21.32 9.69
C THR E 5 -0.03 -22.36 10.75
N GLN E 6 -1.20 -22.97 10.58
CA GLN E 6 -1.62 -24.04 11.47
C GLN E 6 -1.56 -25.39 10.75
N PRO E 7 -1.36 -26.47 11.49
CA PRO E 7 -1.45 -27.81 10.88
C PRO E 7 -2.84 -28.07 10.36
N PRO E 8 -2.97 -28.72 9.20
CA PRO E 8 -4.32 -28.99 8.66
C PRO E 8 -5.18 -29.83 9.60
N SER E 9 -4.59 -30.82 10.26
CA SER E 9 -5.33 -31.67 11.18
C SER E 9 -4.38 -32.15 12.28
N VAL E 10 -4.96 -32.84 13.27
CA VAL E 10 -4.18 -33.39 14.38
C VAL E 10 -5.02 -34.49 15.01
N SER E 11 -4.34 -35.55 15.45
CA SER E 11 -5.00 -36.69 16.07
C SER E 11 -4.34 -37.00 17.41
N VAL E 12 -5.14 -37.55 18.32
CA VAL E 12 -4.67 -37.90 19.66
C VAL E 12 -5.62 -38.94 20.23
N ALA E 13 -5.09 -39.80 21.08
CA ALA E 13 -5.89 -40.82 21.73
C ALA E 13 -6.31 -40.35 23.13
N PRO E 14 -7.43 -40.84 23.66
CA PRO E 14 -7.84 -40.43 25.01
C PRO E 14 -6.84 -40.87 26.06
N GLY E 15 -6.17 -39.90 26.68
CA GLY E 15 -5.15 -40.19 27.67
C GLY E 15 -3.89 -39.38 27.44
N GLN E 16 -3.61 -39.07 26.18
CA GLN E 16 -2.44 -38.29 25.81
C GLN E 16 -2.81 -36.81 25.78
N THR E 17 -1.91 -35.98 25.24
CA THR E 17 -2.12 -34.55 25.13
C THR E 17 -2.10 -34.12 23.67
N ALA E 18 -2.85 -33.06 23.37
CA ALA E 18 -2.90 -32.50 22.04
C ALA E 18 -2.00 -31.28 21.94
N ARG E 19 -1.38 -31.09 20.78
CA ARG E 19 -0.42 -30.00 20.59
C ARG E 19 -0.72 -29.34 19.25
N ILE E 20 -1.25 -28.12 19.30
CA ILE E 20 -1.58 -27.35 18.11
C ILE E 20 -0.63 -26.16 18.05
N THR E 21 0.08 -26.03 16.93
CA THR E 21 1.11 -25.00 16.77
C THR E 21 0.68 -23.93 15.79
N CYS E 22 1.22 -22.73 15.98
CA CYS E 22 1.02 -21.62 15.07
C CYS E 22 2.32 -20.85 14.93
N GLY E 23 2.76 -20.66 13.68
CA GLY E 23 4.00 -19.98 13.41
C GLY E 23 3.78 -18.64 12.70
N GLY E 24 4.88 -17.93 12.52
CA GLY E 24 4.84 -16.64 11.86
C GLY E 24 6.23 -16.13 11.58
N ASN E 25 6.29 -14.87 11.14
CA ASN E 25 7.58 -14.23 10.91
C ASN E 25 8.38 -14.15 12.20
N ASN E 26 7.87 -13.41 13.19
CA ASN E 26 8.46 -13.41 14.53
C ASN E 26 7.29 -13.22 15.51
N ILE E 27 6.66 -14.34 15.88
CA ILE E 27 5.54 -14.32 16.82
C ILE E 27 6.14 -14.50 18.21
N GLY E 28 6.56 -13.37 18.79
CA GLY E 28 7.11 -13.40 20.14
C GLY E 28 6.66 -12.24 20.99
N SER E 29 6.05 -11.22 20.36
CA SER E 29 5.64 -10.02 21.05
C SER E 29 4.13 -9.90 21.20
N LYS E 30 3.38 -10.04 20.11
CA LYS E 30 1.93 -9.98 20.19
C LYS E 30 1.38 -11.27 20.79
N SER E 31 0.20 -11.16 21.39
CA SER E 31 -0.41 -12.31 22.05
C SER E 31 -0.98 -13.28 21.03
N VAL E 32 -1.15 -14.53 21.45
CA VAL E 32 -1.73 -15.59 20.63
C VAL E 32 -2.98 -16.06 21.34
N HIS E 33 -4.14 -15.64 20.85
CA HIS E 33 -5.42 -16.03 21.44
C HIS E 33 -6.01 -17.21 20.68
N TRP E 34 -6.58 -18.15 21.42
CA TRP E 34 -7.09 -19.39 20.86
C TRP E 34 -8.60 -19.45 20.98
N TYR E 35 -9.23 -20.14 20.04
CA TYR E 35 -10.68 -20.32 20.02
C TYR E 35 -11.00 -21.79 19.78
N GLN E 36 -12.21 -22.16 20.16
CA GLN E 36 -12.71 -23.52 19.98
C GLN E 36 -14.08 -23.44 19.32
N GLN E 37 -14.21 -24.05 18.14
CA GLN E 37 -15.45 -24.02 17.37
C GLN E 37 -15.91 -25.45 17.12
N LYS E 38 -16.84 -25.93 17.94
CA LYS E 38 -17.46 -27.21 17.68
C LYS E 38 -18.38 -27.09 16.48
N PRO E 39 -18.58 -28.17 15.72
CA PRO E 39 -19.40 -28.09 14.50
C PRO E 39 -20.84 -27.72 14.81
N GLY E 40 -21.25 -26.55 14.32
CA GLY E 40 -22.61 -26.09 14.51
C GLY E 40 -22.80 -25.13 15.68
N GLN E 41 -21.73 -24.50 16.14
CA GLN E 41 -21.82 -23.55 17.25
C GLN E 41 -20.93 -22.35 16.92
N ALA E 42 -20.80 -21.44 17.89
CA ALA E 42 -20.00 -20.24 17.77
C ALA E 42 -18.65 -20.42 18.47
N PRO E 43 -17.58 -19.86 17.92
CA PRO E 43 -16.25 -20.02 18.52
C PRO E 43 -16.18 -19.39 19.90
N VAL E 44 -15.70 -20.16 20.87
CA VAL E 44 -15.53 -19.69 22.24
C VAL E 44 -14.04 -19.60 22.55
N LEU E 45 -13.64 -18.48 23.17
CA LEU E 45 -12.24 -18.30 23.52
C LEU E 45 -11.86 -19.26 24.65
N VAL E 46 -10.69 -19.91 24.50
CA VAL E 46 -10.25 -20.88 25.49
C VAL E 46 -8.95 -20.41 26.14
N VAL E 47 -8.14 -19.66 25.41
CA VAL E 47 -6.85 -19.18 25.89
C VAL E 47 -6.61 -17.78 25.33
N TYR E 48 -6.32 -16.83 26.23
CA TYR E 48 -5.94 -15.48 25.84
C TYR E 48 -4.68 -15.09 26.60
N ASP E 49 -3.91 -14.16 26.01
CA ASP E 49 -2.62 -13.73 26.52
C ASP E 49 -1.62 -14.88 26.62
N ASP E 50 -1.90 -15.98 25.91
CA ASP E 50 -1.02 -17.14 25.77
C ASP E 50 -0.93 -17.96 27.06
N SER E 51 -1.48 -17.45 28.15
CA SER E 51 -1.44 -18.16 29.42
C SER E 51 -2.79 -18.25 30.10
N ASP E 52 -3.61 -17.20 30.01
CA ASP E 52 -4.84 -17.13 30.79
C ASP E 52 -5.98 -17.84 30.06
N ARG E 53 -7.03 -18.13 30.83
CA ARG E 53 -8.25 -18.75 30.32
C ARG E 53 -9.45 -18.06 30.93
N PRO E 54 -10.55 -17.95 30.19
CA PRO E 54 -11.74 -17.27 30.72
C PRO E 54 -12.40 -18.04 31.86
N SER E 55 -13.48 -17.48 32.41
CA SER E 55 -14.22 -18.11 33.48
C SER E 55 -15.17 -19.13 32.88
N GLY E 56 -14.94 -20.41 33.15
CA GLY E 56 -15.75 -21.48 32.61
C GLY E 56 -14.92 -22.54 31.92
N ILE E 57 -13.85 -22.13 31.27
CA ILE E 57 -12.94 -23.08 30.63
C ILE E 57 -12.19 -23.86 31.71
N PRO E 58 -12.19 -25.19 31.67
CA PRO E 58 -11.52 -25.96 32.72
C PRO E 58 -10.02 -25.80 32.69
N GLU E 59 -9.38 -26.29 33.74
CA GLU E 59 -7.93 -26.18 33.89
C GLU E 59 -7.23 -27.25 33.05
N ARG E 60 -7.47 -27.17 31.74
CA ARG E 60 -6.88 -28.10 30.79
C ARG E 60 -6.36 -27.43 29.52
N PHE E 61 -6.43 -26.11 29.42
CA PHE E 61 -6.04 -25.37 28.23
C PHE E 61 -4.89 -24.45 28.59
N SER E 62 -3.66 -24.90 28.38
CA SER E 62 -2.47 -24.11 28.60
C SER E 62 -1.87 -23.71 27.25
N GLY E 63 -0.84 -22.88 27.30
CA GLY E 63 -0.22 -22.41 26.09
C GLY E 63 1.12 -21.76 26.36
N SER E 64 1.95 -21.71 25.31
CA SER E 64 3.26 -21.10 25.39
C SER E 64 3.52 -20.35 24.09
N ASN E 65 4.44 -19.39 24.16
CA ASN E 65 4.80 -18.55 23.02
C ASN E 65 6.31 -18.48 22.93
N SER E 66 6.88 -19.18 21.95
CA SER E 66 8.32 -19.18 21.72
C SER E 66 8.68 -18.03 20.79
N GLY E 67 9.91 -18.03 20.26
CA GLY E 67 10.33 -16.97 19.39
C GLY E 67 9.56 -16.94 18.08
N ASN E 68 9.26 -18.12 17.52
CA ASN E 68 8.56 -18.18 16.24
C ASN E 68 7.51 -19.29 16.21
N THR E 69 6.99 -19.72 17.35
CA THR E 69 6.00 -20.80 17.38
C THR E 69 5.21 -20.72 18.68
N ALA E 70 3.89 -20.61 18.56
CA ALA E 70 2.99 -20.66 19.70
C ALA E 70 2.27 -22.01 19.72
N THR E 71 2.06 -22.55 20.92
CA THR E 71 1.49 -23.88 21.07
C THR E 71 0.28 -23.82 22.00
N LEU E 72 -0.70 -24.67 21.72
CA LEU E 72 -1.88 -24.84 22.55
C LEU E 72 -1.90 -26.28 23.05
N THR E 73 -1.50 -26.48 24.30
CA THR E 73 -1.37 -27.80 24.90
C THR E 73 -2.67 -28.15 25.60
N ILE E 74 -3.36 -29.17 25.11
CA ILE E 74 -4.58 -29.65 25.72
C ILE E 74 -4.25 -30.78 26.68
N SER E 75 -4.91 -30.79 27.84
CA SER E 75 -4.75 -31.85 28.82
C SER E 75 -5.56 -33.07 28.41
N ARG E 76 -5.77 -33.99 29.35
CA ARG E 76 -6.55 -35.21 29.11
C ARG E 76 -7.79 -34.91 28.30
N VAL E 77 -7.87 -35.51 27.11
CA VAL E 77 -8.88 -35.16 26.11
C VAL E 77 -9.95 -36.25 26.11
N GLU E 78 -11.20 -35.82 26.13
CA GLU E 78 -12.35 -36.71 26.08
C GLU E 78 -12.98 -36.66 24.69
N ALA E 79 -14.09 -37.39 24.53
CA ALA E 79 -14.78 -37.42 23.24
C ALA E 79 -15.37 -36.04 22.91
N GLY E 80 -15.88 -35.34 23.91
CA GLY E 80 -16.48 -34.03 23.70
C GLY E 80 -15.45 -32.92 23.56
N ASP E 81 -14.42 -33.15 22.75
CA ASP E 81 -13.39 -32.15 22.54
C ASP E 81 -12.96 -32.04 21.08
N GLU E 82 -13.59 -32.75 20.17
CA GLU E 82 -13.27 -32.65 18.74
C GLU E 82 -13.88 -31.37 18.19
N ALA E 83 -13.03 -30.41 17.84
CA ALA E 83 -13.49 -29.14 17.30
C ALA E 83 -12.35 -28.52 16.49
N ASP E 84 -12.60 -27.33 15.97
CA ASP E 84 -11.62 -26.58 15.20
C ASP E 84 -11.04 -25.47 16.07
N TYR E 85 -9.72 -25.36 16.08
CA TYR E 85 -9.00 -24.40 16.91
C TYR E 85 -8.28 -23.39 16.03
N TYR E 86 -8.44 -22.11 16.35
CA TYR E 86 -7.84 -21.02 15.59
C TYR E 86 -7.00 -20.17 16.52
N CYS E 87 -5.87 -19.68 16.00
CA CYS E 87 -5.00 -18.77 16.73
C CYS E 87 -5.10 -17.37 16.14
N GLN E 88 -5.07 -16.37 17.00
CA GLN E 88 -5.32 -14.99 16.61
C GLN E 88 -4.10 -14.12 16.89
N VAL E 89 -3.85 -13.17 15.99
CA VAL E 89 -2.72 -12.25 16.09
C VAL E 89 -3.21 -10.88 15.64
N TRP E 90 -2.87 -9.84 16.42
CA TRP E 90 -3.34 -8.50 16.10
C TRP E 90 -2.61 -7.92 14.89
N ASP E 91 -1.28 -8.08 14.84
CA ASP E 91 -0.46 -7.61 13.72
C ASP E 91 -0.60 -6.09 13.54
N SER E 92 -0.08 -5.37 14.55
CA SER E 92 -0.15 -3.91 14.56
C SER E 92 0.59 -3.27 13.39
N ARG E 93 1.34 -4.04 12.60
CA ARG E 93 2.04 -3.44 11.46
C ARG E 93 1.06 -3.04 10.36
N SER E 94 0.10 -3.90 10.04
CA SER E 94 -0.86 -3.64 8.98
C SER E 94 -2.25 -3.31 9.50
N ASP E 95 -2.46 -3.34 10.82
CA ASP E 95 -3.74 -3.04 11.44
C ASP E 95 -4.84 -3.94 10.89
N ARG E 96 -4.66 -5.24 11.12
CA ARG E 96 -5.60 -6.25 10.60
C ARG E 96 -5.52 -7.49 11.48
N VAL E 97 -6.63 -7.85 12.10
CA VAL E 97 -6.69 -9.08 12.89
C VAL E 97 -6.56 -10.27 11.94
N VAL E 98 -5.49 -11.05 12.12
CA VAL E 98 -5.18 -12.18 11.25
C VAL E 98 -5.47 -13.46 12.00
N PHE E 99 -6.38 -14.27 11.46
CA PHE E 99 -6.65 -15.59 12.00
C PHE E 99 -5.77 -16.64 11.34
N GLY E 100 -5.88 -17.87 11.82
CA GLY E 100 -5.15 -18.99 11.26
C GLY E 100 -6.07 -19.96 10.53
N GLY E 101 -5.45 -21.03 10.04
CA GLY E 101 -6.18 -22.07 9.34
C GLY E 101 -6.96 -22.96 10.30
N GLY E 102 -7.50 -24.04 9.75
CA GLY E 102 -8.26 -24.98 10.54
C GLY E 102 -7.39 -26.09 11.10
N THR E 103 -7.73 -26.52 12.33
CA THR E 103 -7.03 -27.61 13.01
C THR E 103 -8.10 -28.51 13.64
N LYS E 104 -8.51 -29.53 12.89
CA LYS E 104 -9.57 -30.43 13.32
C LYS E 104 -8.96 -31.52 14.19
N LEU E 105 -9.08 -31.36 15.50
CA LEU E 105 -8.64 -32.39 16.44
C LEU E 105 -9.67 -33.53 16.45
N THR E 106 -9.18 -34.75 16.23
CA THR E 106 -10.05 -35.92 16.17
C THR E 106 -9.58 -36.95 17.19
N ALA E 107 -10.49 -37.39 18.05
CA ALA E 107 -10.17 -38.43 19.03
C ALA E 107 -10.17 -39.79 18.34
N LEU E 108 -9.07 -40.51 18.46
CA LEU E 108 -8.89 -41.82 17.82
C LEU E 108 -9.06 -42.90 18.87
N GLY E 109 -10.06 -43.76 18.68
CA GLY E 109 -10.31 -44.84 19.60
C GLY E 109 -11.75 -44.89 20.07
N GLN E 110 -12.61 -44.11 19.42
CA GLN E 110 -14.02 -44.07 19.82
C GLN E 110 -14.72 -45.36 19.38
N PRO E 111 -15.70 -45.83 20.14
CA PRO E 111 -16.43 -47.03 19.75
C PRO E 111 -17.23 -46.82 18.47
N LYS E 112 -17.31 -47.88 17.67
CA LYS E 112 -18.07 -47.85 16.43
C LYS E 112 -19.55 -48.02 16.75
N ALA E 113 -20.35 -47.01 16.43
CA ALA E 113 -21.79 -47.03 16.68
C ALA E 113 -22.52 -47.37 15.41
N ALA E 114 -23.42 -48.36 15.48
CA ALA E 114 -24.18 -48.76 14.32
C ALA E 114 -25.22 -47.71 13.97
N PRO E 115 -25.42 -47.40 12.69
CA PRO E 115 -26.39 -46.37 12.31
C PRO E 115 -27.81 -46.83 12.57
N SER E 116 -28.72 -45.84 12.61
CA SER E 116 -30.15 -46.07 12.81
C SER E 116 -30.87 -45.53 11.59
N VAL E 117 -31.32 -46.42 10.72
CA VAL E 117 -31.98 -46.04 9.47
C VAL E 117 -33.48 -45.93 9.70
N THR E 118 -34.10 -44.97 9.02
CA THR E 118 -35.53 -44.76 9.12
C THR E 118 -36.05 -44.27 7.78
N LEU E 119 -37.12 -44.89 7.29
CA LEU E 119 -37.71 -44.58 5.99
C LEU E 119 -39.09 -43.96 6.19
N PHE E 120 -39.44 -43.00 5.34
CA PHE E 120 -40.74 -42.36 5.37
C PHE E 120 -41.37 -42.41 3.98
N PRO E 121 -42.56 -42.99 3.84
CA PRO E 121 -43.16 -43.12 2.51
C PRO E 121 -43.66 -41.78 2.02
N PRO E 122 -43.95 -41.66 0.73
CA PRO E 122 -44.53 -40.40 0.20
C PRO E 122 -45.86 -40.09 0.89
N SER E 123 -46.01 -38.84 1.31
CA SER E 123 -47.20 -38.42 2.02
C SER E 123 -48.39 -38.31 1.06
N SER E 124 -49.57 -38.17 1.64
CA SER E 124 -50.79 -38.00 0.85
C SER E 124 -51.04 -36.56 0.44
N GLU E 125 -50.52 -35.60 1.20
CA GLU E 125 -50.67 -34.19 0.85
C GLU E 125 -49.76 -33.76 -0.29
N GLU E 126 -48.61 -34.42 -0.45
CA GLU E 126 -47.69 -34.10 -1.55
C GLU E 126 -48.05 -34.79 -2.85
N LEU E 127 -48.64 -35.99 -2.78
CA LEU E 127 -49.07 -36.71 -3.97
C LEU E 127 -50.29 -36.10 -4.61
N GLN E 128 -50.71 -34.90 -4.21
CA GLN E 128 -51.92 -34.29 -4.76
C GLN E 128 -51.76 -34.06 -6.26
N ALA E 129 -50.88 -33.15 -6.67
CA ALA E 129 -50.60 -32.99 -8.11
C ALA E 129 -49.49 -33.94 -8.56
N ASN E 130 -48.25 -33.66 -8.16
CA ASN E 130 -47.13 -34.55 -8.48
C ASN E 130 -45.94 -34.17 -7.59
N LYS E 131 -45.71 -34.95 -6.52
CA LYS E 131 -44.44 -34.85 -5.80
C LYS E 131 -43.71 -36.18 -5.75
N ALA E 132 -44.32 -37.23 -5.19
CA ALA E 132 -43.74 -38.56 -5.08
C ALA E 132 -42.28 -38.51 -4.58
N THR E 133 -42.12 -38.04 -3.36
CA THR E 133 -40.80 -37.92 -2.74
C THR E 133 -40.58 -39.01 -1.70
N LEU E 134 -39.33 -39.46 -1.58
CA LEU E 134 -38.94 -40.51 -0.65
C LEU E 134 -37.67 -40.08 0.06
N VAL E 135 -37.58 -40.40 1.36
CA VAL E 135 -36.49 -39.93 2.20
C VAL E 135 -35.98 -41.08 3.06
N CYS E 136 -34.65 -41.21 3.14
CA CYS E 136 -33.97 -42.18 3.97
C CYS E 136 -33.04 -41.45 4.92
N LEU E 137 -33.13 -41.76 6.21
CA LEU E 137 -32.40 -41.04 7.25
C LEU E 137 -31.63 -42.02 8.11
N ILE E 138 -30.32 -41.81 8.24
CA ILE E 138 -29.48 -42.57 9.14
C ILE E 138 -28.90 -41.59 10.16
N SER E 139 -29.23 -41.80 11.43
CA SER E 139 -29.05 -40.77 12.46
C SER E 139 -27.73 -40.91 13.22
N ASP E 140 -27.52 -42.02 13.91
CA ASP E 140 -26.43 -42.12 14.88
C ASP E 140 -25.40 -43.16 14.44
N PHE E 141 -24.31 -42.65 13.86
CA PHE E 141 -23.16 -43.45 13.51
C PHE E 141 -21.92 -42.55 13.52
N TYR E 142 -20.89 -42.97 14.25
CA TYR E 142 -19.72 -42.10 14.40
C TYR E 142 -18.82 -42.13 13.16
N PRO E 143 -18.37 -43.30 12.68
CA PRO E 143 -17.50 -43.29 11.49
C PRO E 143 -18.30 -42.95 10.24
N GLY E 144 -17.69 -42.12 9.39
CA GLY E 144 -18.31 -41.71 8.15
C GLY E 144 -18.22 -42.77 7.07
N ALA E 145 -18.13 -42.32 5.82
CA ALA E 145 -18.01 -43.20 4.65
C ALA E 145 -19.17 -44.19 4.58
N VAL E 146 -20.38 -43.64 4.52
CA VAL E 146 -21.60 -44.42 4.39
C VAL E 146 -22.13 -44.28 2.97
N THR E 147 -22.58 -45.40 2.41
CA THR E 147 -23.08 -45.46 1.03
C THR E 147 -24.54 -45.89 1.08
N VAL E 148 -25.44 -44.94 0.85
CA VAL E 148 -26.87 -45.20 0.85
C VAL E 148 -27.26 -45.61 -0.56
N ALA E 149 -27.21 -46.91 -0.83
CA ALA E 149 -27.54 -47.46 -2.14
C ALA E 149 -29.00 -47.88 -2.13
N TRP E 150 -29.81 -47.22 -2.95
CA TRP E 150 -31.24 -47.50 -2.99
C TRP E 150 -31.52 -48.81 -3.71
N LYS E 151 -31.49 -49.93 -2.97
CA LYS E 151 -31.85 -51.21 -3.56
C LYS E 151 -33.36 -51.27 -3.72
N ALA E 152 -33.90 -50.42 -4.58
CA ALA E 152 -35.34 -50.29 -4.79
C ALA E 152 -35.71 -50.86 -6.17
N ASP E 153 -36.99 -51.15 -6.33
CA ASP E 153 -37.51 -51.73 -7.57
C ASP E 153 -36.78 -53.02 -7.94
N SER E 154 -36.24 -53.70 -6.93
CA SER E 154 -35.53 -54.97 -7.11
C SER E 154 -34.40 -54.83 -8.13
N SER E 155 -33.69 -53.70 -8.06
CA SER E 155 -32.61 -53.41 -9.00
C SER E 155 -31.72 -52.34 -8.38
N PRO E 156 -30.44 -52.31 -8.73
CA PRO E 156 -29.56 -51.26 -8.20
C PRO E 156 -29.86 -49.91 -8.81
N VAL E 157 -30.88 -49.24 -8.29
CA VAL E 157 -31.31 -47.95 -8.82
C VAL E 157 -30.21 -46.92 -8.53
N LYS E 158 -29.54 -46.47 -9.59
CA LYS E 158 -28.51 -45.44 -9.47
C LYS E 158 -28.78 -44.31 -10.44
N ALA E 159 -29.48 -44.62 -11.54
CA ALA E 159 -29.88 -43.59 -12.48
C ALA E 159 -30.96 -42.68 -11.92
N GLY E 160 -31.71 -43.14 -10.93
CA GLY E 160 -32.71 -42.29 -10.31
C GLY E 160 -32.07 -41.14 -9.55
N VAL E 161 -32.81 -40.05 -9.43
CA VAL E 161 -32.30 -38.86 -8.77
C VAL E 161 -32.10 -39.15 -7.28
N GLU E 162 -30.85 -39.08 -6.83
CA GLU E 162 -30.50 -39.29 -5.43
C GLU E 162 -29.72 -38.09 -4.93
N THR E 163 -29.95 -37.73 -3.67
CA THR E 163 -29.24 -36.60 -3.06
C THR E 163 -27.94 -37.05 -2.41
N THR E 164 -28.03 -37.96 -1.43
CA THR E 164 -26.88 -38.51 -0.72
C THR E 164 -25.97 -37.40 -0.20
N THR E 165 -26.51 -36.63 0.73
CA THR E 165 -25.74 -35.56 1.35
C THR E 165 -24.55 -36.15 2.11
N PRO E 166 -23.40 -35.50 2.10
CA PRO E 166 -22.22 -36.03 2.79
C PRO E 166 -22.43 -36.04 4.31
N SER E 167 -21.48 -36.66 4.99
CA SER E 167 -21.56 -36.80 6.44
C SER E 167 -21.47 -35.45 7.12
N LYS E 168 -21.99 -35.40 8.35
CA LYS E 168 -22.00 -34.18 9.15
C LYS E 168 -21.65 -34.58 10.58
N GLN E 169 -21.90 -33.69 11.53
CA GLN E 169 -21.58 -33.93 12.93
C GLN E 169 -22.76 -33.56 13.81
N SER E 170 -22.92 -34.30 14.90
CA SER E 170 -23.99 -34.04 15.87
C SER E 170 -23.62 -34.73 17.18
N ASN E 171 -23.51 -33.95 18.26
CA ASN E 171 -23.12 -34.42 19.59
C ASN E 171 -21.99 -35.45 19.51
N ASN E 172 -20.95 -35.10 18.74
CA ASN E 172 -19.78 -35.96 18.54
C ASN E 172 -20.19 -37.29 17.92
N LYS E 173 -20.98 -37.22 16.86
CA LYS E 173 -21.43 -38.40 16.12
C LYS E 173 -22.01 -37.98 14.77
N TYR E 174 -21.64 -38.69 13.71
CA TYR E 174 -22.03 -38.25 12.37
C TYR E 174 -23.50 -38.53 12.10
N ALA E 175 -24.02 -37.89 11.04
CA ALA E 175 -25.40 -38.06 10.62
C ALA E 175 -25.53 -37.55 9.20
N ALA E 176 -26.30 -38.26 8.39
CA ALA E 176 -26.49 -37.90 6.98
C ALA E 176 -27.93 -38.21 6.59
N SER E 177 -28.22 -38.08 5.30
CA SER E 177 -29.56 -38.28 4.79
C SER E 177 -29.49 -38.74 3.34
N SER E 178 -30.65 -39.12 2.81
CA SER E 178 -30.73 -39.58 1.42
C SER E 178 -32.16 -39.42 0.94
N TYR E 179 -32.33 -38.87 -0.26
CA TYR E 179 -33.63 -38.67 -0.87
C TYR E 179 -33.70 -39.43 -2.19
N LEU E 180 -34.92 -39.73 -2.62
CA LEU E 180 -35.14 -40.44 -3.88
C LEU E 180 -36.47 -39.95 -4.46
N SER E 181 -36.38 -39.16 -5.53
CA SER E 181 -37.56 -38.65 -6.23
C SER E 181 -37.69 -39.23 -7.64
N LEU E 182 -37.06 -40.38 -7.90
CA LEU E 182 -37.12 -40.98 -9.23
C LEU E 182 -38.56 -41.33 -9.59
N THR E 183 -39.33 -41.82 -8.62
CA THR E 183 -40.72 -42.19 -8.87
C THR E 183 -41.52 -40.97 -9.32
N PRO E 184 -42.05 -40.96 -10.55
CA PRO E 184 -42.91 -39.86 -11.00
C PRO E 184 -44.38 -40.14 -10.72
N GLU E 185 -44.70 -40.42 -9.45
CA GLU E 185 -46.02 -40.87 -9.03
C GLU E 185 -46.43 -42.14 -9.76
N GLN E 186 -45.44 -42.86 -10.31
CA GLN E 186 -45.66 -44.12 -11.02
C GLN E 186 -44.87 -45.24 -10.37
N TRP E 187 -44.71 -45.19 -9.05
CA TRP E 187 -44.05 -46.23 -8.29
C TRP E 187 -44.93 -47.45 -8.05
N LYS E 188 -46.04 -47.57 -8.79
CA LYS E 188 -46.93 -48.71 -8.67
C LYS E 188 -46.31 -50.01 -9.14
N SER E 189 -45.04 -49.99 -9.59
CA SER E 189 -44.37 -51.23 -9.98
C SER E 189 -44.30 -52.20 -8.82
N HIS E 190 -44.05 -51.69 -7.60
CA HIS E 190 -44.10 -52.48 -6.37
C HIS E 190 -43.12 -53.66 -6.42
N ARG E 191 -41.83 -53.31 -6.48
CA ARG E 191 -40.78 -54.32 -6.42
C ARG E 191 -39.89 -54.10 -5.20
N SER E 192 -40.53 -53.87 -4.04
CA SER E 192 -39.85 -53.80 -2.75
C SER E 192 -38.79 -52.68 -2.71
N TYR E 193 -39.31 -51.45 -2.81
CA TYR E 193 -38.47 -50.29 -2.56
C TYR E 193 -37.86 -50.36 -1.17
N SER E 194 -36.56 -50.11 -1.07
CA SER E 194 -35.88 -50.23 0.21
C SER E 194 -34.58 -49.44 0.18
N CYS E 195 -34.22 -48.88 1.33
CA CYS E 195 -32.96 -48.17 1.51
C CYS E 195 -31.93 -49.11 2.11
N GLN E 196 -30.71 -49.07 1.58
CA GLN E 196 -29.64 -49.98 1.99
C GLN E 196 -28.37 -49.17 2.28
N VAL E 197 -28.07 -49.01 3.56
CA VAL E 197 -26.84 -48.35 3.97
C VAL E 197 -25.73 -49.38 4.15
N THR E 198 -24.49 -48.90 4.19
CA THR E 198 -23.34 -49.78 4.39
C THR E 198 -22.30 -49.00 5.18
N HIS E 199 -22.09 -49.38 6.44
CA HIS E 199 -21.20 -48.62 7.31
C HIS E 199 -19.74 -48.99 7.10
N GLU E 200 -19.37 -50.23 7.44
CA GLU E 200 -18.01 -50.70 7.21
C GLU E 200 -17.99 -52.17 6.77
N GLY E 201 -19.07 -52.66 6.19
CA GLY E 201 -19.19 -54.06 5.83
C GLY E 201 -20.53 -54.62 6.25
N SER E 202 -21.06 -54.10 7.35
CA SER E 202 -22.41 -54.44 7.77
C SER E 202 -23.43 -53.58 7.04
N THR E 203 -24.70 -53.91 7.22
CA THR E 203 -25.77 -53.18 6.55
C THR E 203 -27.07 -53.36 7.32
N VAL E 204 -27.86 -52.28 7.35
CA VAL E 204 -29.20 -52.31 7.93
C VAL E 204 -30.15 -51.66 6.93
N GLU E 205 -31.33 -52.25 6.78
CA GLU E 205 -32.28 -51.81 5.77
C GLU E 205 -33.68 -51.75 6.37
N LYS E 206 -34.48 -50.82 5.87
CA LYS E 206 -35.88 -50.69 6.25
C LYS E 206 -36.72 -50.58 4.99
N THR E 207 -37.75 -51.42 4.88
CA THR E 207 -38.57 -51.45 3.68
C THR E 207 -39.43 -50.19 3.59
N VAL E 208 -39.96 -49.96 2.40
CA VAL E 208 -40.83 -48.82 2.11
C VAL E 208 -42.23 -49.33 1.85
N ALA E 209 -43.22 -48.64 2.41
CA ALA E 209 -44.60 -49.04 2.24
C ALA E 209 -44.99 -48.94 0.77
N PRO E 210 -45.70 -49.95 0.23
CA PRO E 210 -46.08 -49.88 -1.20
C PRO E 210 -47.04 -48.74 -1.50
N THR E 211 -48.13 -48.63 -0.76
CA THR E 211 -49.12 -47.58 -0.97
C THR E 211 -49.39 -46.81 0.31
N THR F 3 -10.92 15.04 43.27
CA THR F 3 -11.07 13.62 43.58
C THR F 3 -11.34 12.81 42.32
N ASN F 4 -12.62 12.62 42.00
CA ASN F 4 -13.02 11.83 40.84
C ASN F 4 -12.83 12.68 39.59
N LEU F 5 -11.69 12.52 38.93
CA LEU F 5 -11.40 13.28 37.73
C LEU F 5 -12.27 12.80 36.57
N CYS F 6 -12.75 13.76 35.78
CA CYS F 6 -13.58 13.42 34.63
C CYS F 6 -12.73 12.70 33.57
N PRO F 7 -13.36 11.80 32.81
CA PRO F 7 -12.60 11.06 31.78
C PRO F 7 -12.22 11.94 30.58
N PHE F 8 -11.36 12.92 30.80
CA PHE F 8 -10.82 13.73 29.72
C PHE F 8 -9.65 13.05 29.02
N ASP F 9 -9.24 11.88 29.47
CA ASP F 9 -8.14 11.15 28.85
C ASP F 9 -8.61 10.10 27.86
N GLU F 10 -9.87 9.69 27.92
CA GLU F 10 -10.37 8.68 27.00
C GLU F 10 -10.73 9.27 25.65
N VAL F 11 -11.17 10.53 25.61
CA VAL F 11 -11.56 11.18 24.37
C VAL F 11 -10.45 12.05 23.78
N PHE F 12 -9.28 12.09 24.42
CA PHE F 12 -8.14 12.84 23.92
C PHE F 12 -6.95 11.97 23.58
N ASN F 13 -6.78 10.86 24.26
CA ASN F 13 -5.64 10.02 24.02
C ASN F 13 -6.09 8.66 23.55
N ALA F 14 -7.25 8.61 22.90
CA ALA F 14 -7.75 7.37 22.34
C ALA F 14 -6.86 6.90 21.19
N THR F 15 -6.84 5.58 20.97
CA THR F 15 -5.99 5.02 19.93
C THR F 15 -6.50 5.41 18.55
N ARG F 16 -7.81 5.37 18.34
CA ARG F 16 -8.40 5.71 17.06
C ARG F 16 -9.64 6.57 17.29
N PHE F 17 -9.77 7.62 16.48
CA PHE F 17 -10.88 8.56 16.58
C PHE F 17 -11.92 8.25 15.52
N ALA F 18 -13.06 8.94 15.62
CA ALA F 18 -14.19 8.71 14.74
C ALA F 18 -14.08 9.53 13.47
N SER F 19 -14.91 9.17 12.49
CA SER F 19 -15.01 9.91 11.25
C SER F 19 -15.93 11.12 11.45
N VAL F 20 -16.06 11.94 10.41
CA VAL F 20 -16.86 13.15 10.54
C VAL F 20 -18.36 12.86 10.48
N TYR F 21 -18.78 11.77 9.83
CA TYR F 21 -20.18 11.43 9.75
C TYR F 21 -20.64 10.54 10.91
N ALA F 22 -19.73 10.08 11.75
CA ALA F 22 -20.06 9.22 12.89
C ALA F 22 -19.33 9.71 14.13
N TRP F 23 -19.39 11.02 14.37
CA TRP F 23 -18.72 11.60 15.54
C TRP F 23 -19.35 11.07 16.82
N ASN F 24 -18.50 10.66 17.75
CA ASN F 24 -18.94 10.02 18.99
C ASN F 24 -19.09 11.05 20.10
N ARG F 25 -20.18 10.90 20.87
CA ARG F 25 -20.44 11.72 22.04
C ARG F 25 -20.09 10.93 23.29
N LYS F 26 -19.96 11.66 24.40
CA LYS F 26 -19.69 11.02 25.70
C LYS F 26 -20.25 11.93 26.78
N ARG F 27 -21.30 11.48 27.46
CA ARG F 27 -21.93 12.28 28.50
C ARG F 27 -21.04 12.33 29.74
N ILE F 28 -20.21 13.37 29.84
CA ILE F 28 -19.31 13.54 30.98
C ILE F 28 -20.09 14.17 32.12
N SER F 29 -20.50 13.35 33.09
CA SER F 29 -21.30 13.82 34.22
C SER F 29 -20.82 13.15 35.50
N ASN F 30 -21.21 13.75 36.63
CA ASN F 30 -20.90 13.23 37.96
C ASN F 30 -19.40 13.07 38.16
N CYS F 31 -18.66 14.14 37.91
CA CYS F 31 -17.22 14.13 38.07
C CYS F 31 -16.72 15.57 38.18
N VAL F 32 -15.43 15.71 38.46
CA VAL F 32 -14.78 17.01 38.61
C VAL F 32 -13.85 17.19 37.42
N ALA F 33 -14.19 18.13 36.53
CA ALA F 33 -13.43 18.36 35.31
C ALA F 33 -12.32 19.36 35.59
N ASP F 34 -11.08 18.97 35.28
CA ASP F 34 -9.92 19.85 35.40
C ASP F 34 -9.57 20.33 34.00
N TYR F 35 -9.99 21.54 33.66
CA TYR F 35 -9.70 22.10 32.35
C TYR F 35 -8.30 22.70 32.30
N SER F 36 -7.30 21.91 32.71
CA SER F 36 -5.92 22.35 32.69
C SER F 36 -4.97 21.33 32.07
N VAL F 37 -5.33 20.05 32.05
CA VAL F 37 -4.49 19.05 31.38
C VAL F 37 -4.58 19.12 29.87
N LEU F 38 -5.49 19.93 29.33
CA LEU F 38 -5.67 20.11 27.91
C LEU F 38 -5.14 21.46 27.43
N TYR F 39 -4.25 22.07 28.22
CA TYR F 39 -3.61 23.33 27.86
C TYR F 39 -2.17 23.17 27.40
N ASN F 40 -1.35 22.44 28.14
CA ASN F 40 0.05 22.25 27.81
C ASN F 40 0.32 20.99 26.99
N LEU F 41 -0.46 19.93 27.16
CA LEU F 41 -0.31 18.75 26.33
C LEU F 41 -0.69 19.07 24.90
N ALA F 42 0.02 18.45 23.94
CA ALA F 42 -0.16 18.72 22.53
C ALA F 42 -0.03 20.22 22.26
N PRO F 43 1.20 20.76 22.30
CA PRO F 43 1.36 22.23 22.18
C PRO F 43 0.70 22.82 20.95
N PHE F 44 0.60 22.08 19.86
CA PHE F 44 -0.16 22.53 18.70
C PHE F 44 -1.65 22.37 19.01
N PHE F 45 -2.24 23.36 19.68
CA PHE F 45 -3.60 23.25 20.21
C PHE F 45 -4.36 24.52 19.86
N THR F 46 -5.22 24.45 18.84
CA THR F 46 -6.18 25.52 18.61
C THR F 46 -7.32 25.38 19.60
N PHE F 47 -7.56 26.43 20.38
CA PHE F 47 -8.47 26.38 21.52
C PHE F 47 -9.53 27.46 21.41
N LYS F 48 -10.15 27.55 20.23
CA LYS F 48 -11.22 28.52 20.02
C LYS F 48 -12.41 28.22 20.91
N CYS F 49 -12.66 29.09 21.89
CA CYS F 49 -13.77 28.94 22.82
C CYS F 49 -14.87 29.94 22.44
N TYR F 50 -16.05 29.42 22.15
CA TYR F 50 -17.22 30.26 21.85
C TYR F 50 -18.16 30.25 23.04
N GLY F 51 -18.55 31.45 23.49
CA GLY F 51 -19.46 31.56 24.61
C GLY F 51 -18.76 31.73 25.94
N VAL F 52 -17.96 30.74 26.33
CA VAL F 52 -17.25 30.76 27.60
C VAL F 52 -15.80 31.15 27.36
N SER F 53 -15.17 31.73 28.39
CA SER F 53 -13.79 32.15 28.31
C SER F 53 -12.87 31.12 28.96
N PRO F 54 -11.68 30.92 28.40
CA PRO F 54 -10.74 29.93 28.96
C PRO F 54 -10.24 30.28 30.36
N THR F 55 -10.40 31.52 30.80
CA THR F 55 -9.96 31.93 32.14
C THR F 55 -11.02 31.72 33.20
N LYS F 56 -12.30 31.72 32.84
CA LYS F 56 -13.40 31.47 33.76
C LYS F 56 -14.01 30.08 33.54
N LEU F 57 -13.22 29.16 33.00
CA LEU F 57 -13.72 27.82 32.70
C LEU F 57 -13.55 26.86 33.88
N ASN F 58 -12.54 27.07 34.72
CA ASN F 58 -12.30 26.23 35.89
C ASN F 58 -13.11 26.66 37.09
N ASP F 59 -14.15 27.47 36.90
CA ASP F 59 -14.95 27.98 37.99
C ASP F 59 -16.44 27.67 37.84
N LEU F 60 -16.95 27.65 36.61
CA LEU F 60 -18.37 27.45 36.40
C LEU F 60 -18.72 25.97 36.52
N CYS F 61 -19.98 25.71 36.90
CA CYS F 61 -20.49 24.36 37.05
C CYS F 61 -21.55 24.10 35.98
N PHE F 62 -21.42 22.99 35.28
CA PHE F 62 -22.38 22.57 34.27
C PHE F 62 -23.01 21.26 34.68
N THR F 63 -24.11 20.91 34.02
CA THR F 63 -24.83 19.68 34.35
C THR F 63 -24.31 18.49 33.56
N ASN F 64 -24.18 18.61 32.24
CA ASN F 64 -23.72 17.50 31.40
C ASN F 64 -22.89 18.08 30.26
N VAL F 65 -21.58 18.07 30.43
CA VAL F 65 -20.67 18.49 29.36
C VAL F 65 -20.50 17.34 28.39
N TYR F 66 -20.85 17.57 27.12
CA TYR F 66 -20.75 16.56 26.08
C TYR F 66 -19.47 16.78 25.28
N ALA F 67 -18.77 15.68 24.99
CA ALA F 67 -17.48 15.73 24.31
C ALA F 67 -17.58 14.96 23.00
N ASP F 68 -17.71 15.70 21.90
CA ASP F 68 -17.69 15.09 20.58
C ASP F 68 -16.26 14.80 20.15
N SER F 69 -16.12 14.00 19.09
CA SER F 69 -14.81 13.60 18.61
C SER F 69 -14.92 13.15 17.17
N PHE F 70 -14.10 13.73 16.30
CA PHE F 70 -14.03 13.34 14.91
C PHE F 70 -12.69 13.81 14.34
N VAL F 71 -12.38 13.35 13.13
CA VAL F 71 -11.13 13.69 12.44
C VAL F 71 -11.47 14.30 11.10
N ILE F 72 -11.02 15.53 10.91
CA ILE F 72 -11.26 16.26 9.72
C ILE F 72 -9.93 16.70 9.19
N ARG F 73 -9.91 17.29 8.00
CA ARG F 73 -8.68 17.76 7.40
C ARG F 73 -8.34 19.05 8.03
N GLY F 74 -7.37 19.75 7.52
CA GLY F 74 -6.94 20.95 8.17
C GLY F 74 -7.68 22.15 7.78
N ASP F 75 -7.91 22.29 6.52
CA ASP F 75 -8.54 23.47 6.06
C ASP F 75 -10.00 23.39 6.35
N GLU F 76 -10.43 22.29 6.88
CA GLU F 76 -11.79 22.15 7.24
C GLU F 76 -11.93 22.21 8.71
N VAL F 77 -11.05 22.91 9.39
CA VAL F 77 -11.22 23.07 10.80
C VAL F 77 -11.97 24.36 10.94
N ARG F 78 -11.65 25.34 10.12
CA ARG F 78 -12.36 26.62 10.14
C ARG F 78 -13.86 26.44 9.97
N GLN F 79 -14.32 25.27 9.54
CA GLN F 79 -15.74 25.02 9.37
C GLN F 79 -16.42 24.54 10.65
N ILE F 80 -15.64 24.12 11.65
CA ILE F 80 -16.21 23.75 12.96
C ILE F 80 -16.27 25.03 13.76
N ALA F 81 -17.34 25.79 13.55
CA ALA F 81 -17.54 27.09 14.17
C ALA F 81 -18.99 27.51 14.04
N PRO F 82 -19.52 28.31 14.96
CA PRO F 82 -20.92 28.74 14.86
C PRO F 82 -21.14 29.59 13.61
N GLY F 83 -22.11 29.18 12.79
CA GLY F 83 -22.43 29.90 11.58
C GLY F 83 -21.35 29.83 10.53
N GLN F 84 -21.10 28.63 10.01
CA GLN F 84 -20.09 28.43 8.99
C GLN F 84 -20.65 27.50 7.92
N THR F 85 -20.23 27.73 6.68
CA THR F 85 -20.72 26.99 5.53
C THR F 85 -19.58 26.19 4.90
N GLY F 86 -19.95 25.33 3.97
CA GLY F 86 -19.00 24.49 3.26
C GLY F 86 -19.63 23.14 2.96
N ASN F 87 -18.79 22.11 2.96
CA ASN F 87 -19.24 20.74 2.77
C ASN F 87 -19.13 19.88 4.02
N ILE F 88 -18.24 20.23 4.95
CA ILE F 88 -18.10 19.49 6.20
C ILE F 88 -18.85 20.17 7.34
N ALA F 89 -19.41 21.35 7.10
CA ALA F 89 -20.17 22.07 8.11
C ALA F 89 -21.67 22.09 7.83
N ASP F 90 -22.13 21.40 6.79
CA ASP F 90 -23.56 21.32 6.50
C ASP F 90 -24.06 19.90 6.26
N TYR F 91 -23.18 18.95 5.94
CA TYR F 91 -23.58 17.57 5.69
C TYR F 91 -23.00 16.57 6.69
N ASN F 92 -21.99 16.96 7.47
CA ASN F 92 -21.35 16.05 8.41
C ASN F 92 -21.50 16.48 9.85
N TYR F 93 -21.16 17.73 10.18
CA TYR F 93 -21.22 18.20 11.55
C TYR F 93 -21.64 19.66 11.56
N LYS F 94 -22.69 19.98 12.32
CA LYS F 94 -23.25 21.32 12.38
C LYS F 94 -23.28 21.79 13.82
N LEU F 95 -22.83 23.02 14.05
CA LEU F 95 -22.87 23.62 15.38
C LEU F 95 -23.94 24.69 15.45
N PRO F 96 -24.65 24.81 16.57
CA PRO F 96 -25.70 25.81 16.68
C PRO F 96 -25.14 27.23 16.65
N ASP F 97 -26.01 28.18 16.31
CA ASP F 97 -25.63 29.58 16.31
C ASP F 97 -25.45 30.14 17.71
N ASP F 98 -25.99 29.46 18.73
CA ASP F 98 -25.80 29.84 20.12
C ASP F 98 -24.89 28.85 20.83
N PHE F 99 -23.85 28.42 20.12
CA PHE F 99 -22.93 27.42 20.65
C PHE F 99 -22.18 27.94 21.86
N THR F 100 -22.06 27.10 22.89
CA THR F 100 -21.37 27.44 24.13
C THR F 100 -20.39 26.31 24.43
N GLY F 101 -19.16 26.45 23.97
CA GLY F 101 -18.18 25.42 24.19
C GLY F 101 -16.80 25.85 23.72
N CYS F 102 -15.95 24.85 23.48
CA CYS F 102 -14.58 25.08 23.03
C CYS F 102 -14.21 23.98 22.06
N VAL F 103 -14.01 24.34 20.79
CA VAL F 103 -13.53 23.39 19.79
C VAL F 103 -12.02 23.26 19.91
N ILE F 104 -11.54 22.02 19.93
CA ILE F 104 -10.13 21.71 20.16
C ILE F 104 -9.67 20.77 19.05
N ALA F 105 -8.62 21.16 18.33
CA ALA F 105 -8.05 20.34 17.27
C ALA F 105 -6.54 20.30 17.41
N TRP F 106 -5.94 19.22 16.92
CA TRP F 106 -4.50 19.09 16.93
C TRP F 106 -4.08 18.14 15.81
N ASN F 107 -2.92 18.41 15.22
CA ASN F 107 -2.45 17.61 14.10
C ASN F 107 -2.14 16.19 14.55
N SER F 108 -2.51 15.22 13.72
CA SER F 108 -2.30 13.82 14.01
C SER F 108 -1.74 13.10 12.79
N ASN F 109 -0.76 13.71 12.14
CA ASN F 109 -0.14 13.14 10.94
C ASN F 109 0.77 11.97 11.26
N LYS F 110 0.92 11.60 12.53
CA LYS F 110 1.82 10.53 12.93
C LYS F 110 1.10 9.19 13.12
N LEU F 111 -0.07 9.20 13.75
CA LEU F 111 -0.78 7.97 14.08
C LEU F 111 -2.06 7.78 13.29
N ASP F 112 -2.41 8.73 12.47
CA ASP F 112 -3.64 8.62 11.72
C ASP F 112 -3.50 8.72 10.24
N SER F 113 -2.25 8.62 9.77
CA SER F 113 -1.98 8.76 8.35
C SER F 113 -1.53 7.42 7.85
N LYS F 114 -2.02 6.37 8.48
CA LYS F 114 -1.67 5.03 8.05
C LYS F 114 -2.18 4.81 6.64
N VAL F 115 -1.31 4.36 5.75
CA VAL F 115 -1.74 4.06 4.40
C VAL F 115 -2.50 2.73 4.43
N SER F 116 -2.25 1.93 5.45
CA SER F 116 -2.99 0.67 5.61
C SER F 116 -4.39 1.01 6.06
N GLY F 117 -4.55 2.16 6.70
CA GLY F 117 -5.88 2.59 7.10
C GLY F 117 -6.56 3.32 5.96
N ASN F 118 -6.32 4.62 5.82
CA ASN F 118 -6.91 5.45 4.74
C ASN F 118 -8.44 5.45 4.67
N TYR F 119 -9.05 4.38 4.20
CA TYR F 119 -10.51 4.27 4.19
C TYR F 119 -10.99 4.18 5.62
N ASN F 120 -10.09 4.37 6.58
CA ASN F 120 -10.47 4.37 7.94
C ASN F 120 -11.09 5.67 8.34
N TYR F 121 -11.08 6.67 7.49
CA TYR F 121 -11.69 7.97 7.77
C TYR F 121 -12.52 8.44 6.57
N LEU F 122 -13.85 8.59 6.68
CA LEU F 122 -14.71 8.95 5.56
C LEU F 122 -15.50 10.19 5.89
N TYR F 123 -15.83 10.97 4.85
CA TYR F 123 -16.64 12.17 4.99
C TYR F 123 -17.76 12.13 3.96
N ARG F 124 -18.91 12.70 4.32
CA ARG F 124 -20.07 12.70 3.46
C ARG F 124 -20.00 13.90 2.51
N LEU F 125 -20.08 13.63 1.21
CA LEU F 125 -20.01 14.66 0.19
C LEU F 125 -21.35 15.01 -0.44
N PHE F 126 -22.27 14.06 -0.52
CA PHE F 126 -23.58 14.27 -1.12
C PHE F 126 -24.67 14.00 -0.10
N ARG F 127 -25.67 14.88 -0.07
CA ARG F 127 -26.80 14.74 0.82
C ARG F 127 -27.95 15.59 0.29
N LYS F 128 -29.17 15.17 0.58
CA LYS F 128 -30.34 15.89 0.10
C LYS F 128 -30.42 17.29 0.67
N SER F 129 -30.53 17.40 1.99
CA SER F 129 -30.64 18.68 2.67
C SER F 129 -29.53 18.82 3.71
N ASN F 130 -29.37 20.04 4.21
CA ASN F 130 -28.36 20.30 5.21
C ASN F 130 -28.74 19.69 6.55
N LEU F 131 -27.75 19.57 7.43
CA LEU F 131 -27.97 18.96 8.73
C LEU F 131 -28.49 19.99 9.74
N LYS F 132 -29.17 19.49 10.75
CA LYS F 132 -29.61 20.28 11.89
C LYS F 132 -28.48 20.38 12.91
N PRO F 133 -28.54 21.36 13.81
CA PRO F 133 -27.50 21.47 14.85
C PRO F 133 -27.39 20.19 15.66
N PHE F 134 -26.17 19.64 15.70
CA PHE F 134 -25.87 18.41 16.44
C PHE F 134 -26.73 17.25 15.96
N GLU F 135 -26.54 16.89 14.69
CA GLU F 135 -27.28 15.79 14.07
C GLU F 135 -26.29 14.82 13.45
N ARG F 136 -26.51 13.53 13.68
CA ARG F 136 -25.67 12.46 13.15
C ARG F 136 -26.45 11.70 12.09
N ASP F 137 -25.82 11.47 10.94
CA ASP F 137 -26.42 10.72 9.85
C ASP F 137 -25.41 9.68 9.37
N ILE F 138 -25.56 8.45 9.84
CA ILE F 138 -24.68 7.35 9.46
C ILE F 138 -25.29 6.51 8.35
N SER F 139 -26.29 7.03 7.66
CA SER F 139 -26.91 6.31 6.56
C SER F 139 -25.97 6.28 5.35
N THR F 140 -26.10 5.23 4.55
CA THR F 140 -25.25 5.02 3.38
C THR F 140 -26.07 4.73 2.13
N GLU F 141 -27.28 5.27 2.06
CA GLU F 141 -28.12 5.07 0.89
C GLU F 141 -27.56 5.86 -0.30
N ILE F 142 -27.76 5.30 -1.49
CA ILE F 142 -27.23 5.92 -2.70
C ILE F 142 -27.98 7.22 -2.98
N TYR F 143 -27.24 8.29 -3.23
CA TYR F 143 -27.82 9.60 -3.48
C TYR F 143 -28.16 9.76 -4.95
N GLN F 144 -29.40 10.17 -5.23
CA GLN F 144 -29.87 10.41 -6.59
C GLN F 144 -29.57 11.87 -6.94
N ALA F 145 -28.59 12.08 -7.82
CA ALA F 145 -28.14 13.42 -8.15
C ALA F 145 -28.70 13.93 -9.47
N GLY F 146 -29.35 13.09 -10.26
CA GLY F 146 -29.90 13.52 -11.53
C GLY F 146 -31.41 13.71 -11.49
N ASN F 147 -32.11 13.09 -12.43
CA ASN F 147 -33.56 13.15 -12.50
C ASN F 147 -34.23 11.80 -12.41
N LYS F 148 -33.64 10.76 -12.99
CA LYS F 148 -34.21 9.42 -12.94
C LYS F 148 -33.87 8.76 -11.61
N PRO F 149 -34.78 7.93 -11.09
CA PRO F 149 -34.49 7.22 -9.83
C PRO F 149 -33.41 6.17 -10.03
N CYS F 150 -32.60 6.00 -8.98
CA CYS F 150 -31.48 5.08 -9.02
C CYS F 150 -31.75 3.88 -8.13
N ASN F 151 -31.33 2.70 -8.59
CA ASN F 151 -31.43 1.48 -7.80
C ASN F 151 -30.27 1.42 -6.82
N GLY F 152 -30.07 0.27 -6.19
CA GLY F 152 -28.99 0.12 -5.23
C GLY F 152 -27.65 -0.16 -5.86
N VAL F 153 -27.34 0.53 -6.96
CA VAL F 153 -26.07 0.38 -7.67
C VAL F 153 -25.56 1.76 -8.05
N ALA F 154 -24.25 1.92 -8.02
CA ALA F 154 -23.64 3.18 -8.42
C ALA F 154 -23.66 3.33 -9.94
N GLY F 155 -23.42 4.56 -10.39
CA GLY F 155 -23.41 4.84 -11.81
C GLY F 155 -23.60 6.33 -12.04
N PHE F 156 -24.06 6.65 -13.25
CA PHE F 156 -24.33 8.04 -13.60
C PHE F 156 -25.45 8.59 -12.73
N ASN F 157 -25.20 9.72 -12.07
CA ASN F 157 -26.13 10.34 -11.13
C ASN F 157 -26.49 9.39 -9.98
N CYS F 158 -25.62 8.42 -9.72
CA CYS F 158 -25.77 7.47 -8.62
C CYS F 158 -24.47 7.54 -7.82
N TYR F 159 -24.40 8.47 -6.87
CA TYR F 159 -23.17 8.74 -6.13
C TYR F 159 -23.26 8.10 -4.75
N PHE F 160 -22.22 7.37 -4.37
CA PHE F 160 -22.12 6.87 -3.01
C PHE F 160 -21.89 8.03 -2.06
N PRO F 161 -22.67 8.15 -0.98
CA PRO F 161 -22.65 9.37 -0.17
C PRO F 161 -21.40 9.54 0.69
N LEU F 162 -20.44 8.62 0.65
CA LEU F 162 -19.27 8.69 1.51
C LEU F 162 -18.01 8.66 0.66
N ARG F 163 -17.17 9.68 0.81
CA ARG F 163 -15.87 9.74 0.17
C ARG F 163 -14.78 9.46 1.19
N SER F 164 -13.63 8.99 0.71
CA SER F 164 -12.54 8.59 1.57
C SER F 164 -11.56 9.73 1.79
N TYR F 165 -10.84 9.65 2.91
CA TYR F 165 -9.77 10.59 3.25
C TYR F 165 -8.46 9.82 3.15
N SER F 166 -7.83 9.89 1.98
CA SER F 166 -6.56 9.19 1.75
C SER F 166 -5.45 9.97 2.48
N PHE F 167 -5.44 9.83 3.80
CA PHE F 167 -4.49 10.53 4.64
C PHE F 167 -3.12 9.89 4.50
N ARG F 168 -2.29 10.47 3.65
CA ARG F 168 -0.93 10.02 3.40
C ARG F 168 0.07 10.97 4.07
N PRO F 169 1.19 10.46 4.58
CA PRO F 169 2.13 11.31 5.31
C PRO F 169 2.97 12.23 4.45
N THR F 170 2.66 12.36 3.16
CA THR F 170 3.39 13.25 2.27
C THR F 170 2.61 14.49 1.85
N TYR F 171 1.31 14.53 2.13
CA TYR F 171 0.50 15.68 1.77
C TYR F 171 0.88 16.89 2.63
N GLY F 172 0.45 18.07 2.18
CA GLY F 172 0.68 19.27 2.94
C GLY F 172 -0.12 19.32 4.22
N VAL F 173 0.17 20.33 5.04
CA VAL F 173 -0.50 20.48 6.32
C VAL F 173 -1.99 20.79 6.17
N GLY F 174 -2.43 21.20 4.98
CA GLY F 174 -3.84 21.42 4.75
C GLY F 174 -4.64 20.16 4.47
N HIS F 175 -3.96 19.04 4.21
CA HIS F 175 -4.60 17.77 3.94
C HIS F 175 -4.18 16.71 4.96
N GLN F 176 -3.79 17.14 6.15
CA GLN F 176 -3.39 16.24 7.21
C GLN F 176 -4.52 16.07 8.22
N PRO F 177 -4.60 14.91 8.89
CA PRO F 177 -5.69 14.69 9.84
C PRO F 177 -5.56 15.55 11.08
N TYR F 178 -6.71 16.06 11.55
CA TYR F 178 -6.79 16.84 12.77
C TYR F 178 -7.90 16.27 13.65
N ARG F 179 -7.52 15.80 14.83
CA ARG F 179 -8.47 15.19 15.77
C ARG F 179 -9.20 16.31 16.49
N VAL F 180 -10.38 16.66 15.98
CA VAL F 180 -11.20 17.71 16.57
C VAL F 180 -12.07 17.12 17.66
N VAL F 181 -12.10 17.78 18.81
CA VAL F 181 -12.94 17.38 19.94
C VAL F 181 -13.69 18.60 20.41
N VAL F 182 -15.03 18.52 20.37
CA VAL F 182 -15.89 19.65 20.73
C VAL F 182 -16.45 19.41 22.13
N LEU F 183 -16.22 20.36 23.03
CA LEU F 183 -16.68 20.25 24.42
C LEU F 183 -17.90 21.16 24.58
N SER F 184 -19.09 20.59 24.34
CA SER F 184 -20.32 21.33 24.53
C SER F 184 -20.70 21.39 26.00
N PHE F 185 -21.11 22.58 26.44
CA PHE F 185 -21.48 22.81 27.83
C PHE F 185 -22.95 23.22 27.87
N GLU F 186 -23.80 22.37 28.44
CA GLU F 186 -25.21 22.67 28.59
C GLU F 186 -25.53 22.96 30.05
N LEU F 187 -26.62 23.68 30.27
CA LEU F 187 -27.06 24.10 31.60
C LEU F 187 -28.56 23.85 31.76
N LEU F 188 -28.99 22.64 31.43
CA LEU F 188 -30.39 22.27 31.59
C LEU F 188 -30.78 22.30 33.07
N HIS F 189 -32.09 22.25 33.31
CA HIS F 189 -32.61 22.33 34.67
C HIS F 189 -32.31 21.05 35.45
N ALA F 190 -31.17 21.03 36.14
CA ALA F 190 -30.73 19.88 36.91
C ALA F 190 -29.55 20.29 37.78
N PRO F 191 -29.36 19.64 38.94
CA PRO F 191 -28.18 19.93 39.78
C PRO F 191 -26.87 19.84 39.01
N ALA F 192 -26.16 20.96 38.88
CA ALA F 192 -24.89 20.97 38.17
C ALA F 192 -23.84 20.23 38.99
N THR F 193 -23.25 19.19 38.38
CA THR F 193 -22.28 18.35 39.07
C THR F 193 -20.88 18.42 38.50
N VAL F 194 -20.74 18.79 37.23
CA VAL F 194 -19.40 18.86 36.60
C VAL F 194 -18.89 20.27 36.84
N CYS F 195 -18.29 20.47 38.01
CA CYS F 195 -17.66 21.73 38.35
C CYS F 195 -16.17 21.68 37.99
N GLY F 196 -15.42 22.68 38.43
CA GLY F 196 -13.99 22.70 38.22
C GLY F 196 -13.24 22.33 39.48
N PRO F 197 -11.91 22.33 39.39
CA PRO F 197 -11.10 22.00 40.59
C PRO F 197 -11.26 23.03 41.69
N LYS F 198 -11.87 22.64 42.80
CA LYS F 198 -12.09 23.55 43.92
C LYS F 198 -10.90 23.53 44.88
C1 NAG G . -2.11 -7.82 -27.64
C2 NAG G . -2.34 -7.67 -29.15
C3 NAG G . -3.15 -8.83 -29.69
C4 NAG G . -2.52 -10.17 -29.31
C5 NAG G . -2.29 -10.24 -27.81
C6 NAG G . -1.51 -11.50 -27.44
C7 NAG G . -2.81 -5.59 -30.34
C8 NAG G . -3.70 -4.39 -30.39
N2 NAG G . -3.10 -6.46 -29.38
O3 NAG G . -3.20 -8.75 -31.11
O4 NAG G . -3.37 -11.24 -29.70
O5 NAG G . -1.57 -9.11 -27.36
O6 NAG G . -0.19 -11.39 -27.96
O7 NAG G . -1.89 -5.76 -31.12
C1 NAG H . -2.62 12.46 27.12
C2 NAG H . -3.36 13.26 28.18
C3 NAG H . -2.47 14.28 28.89
C4 NAG H . -1.18 13.63 29.37
C5 NAG H . -0.51 12.82 28.27
C6 NAG H . 0.67 12.03 28.81
C7 NAG H . -5.42 14.63 28.13
C8 NAG H . -5.72 15.95 27.52
N2 NAG H . -4.48 13.91 27.52
O3 NAG H . -3.11 14.83 30.04
O4 NAG H . -0.28 14.65 29.82
O5 NAG H . -1.41 11.92 27.64
O6 NAG H . 0.18 10.95 29.64
O7 NAG H . -6.00 14.23 29.13
#